data_6NIR
#
_entry.id   6NIR
#
_cell.length_a   56.757
_cell.length_b   91.005
_cell.length_c   141.565
_cell.angle_alpha   90.00
_cell.angle_beta   90.00
_cell.angle_gamma   90.00
#
_symmetry.space_group_name_H-M   'P 21 21 21'
#
loop_
_entity.id
_entity.type
_entity.pdbx_description
1 polymer 'HOV protease'
2 polymer 'HOV protease fragment'
#
loop_
_entity_poly.entity_id
_entity_poly.type
_entity_poly.pdbx_seq_one_letter_code
_entity_poly.pdbx_strand_id
1 'polypeptide(L)'
;GSAPPSIWSRIVNFGSGWGFWVSPSLFITSTHVIPQGAKEFFGVPIKQIQVHKSGEFCRLRFPKPIRTDVTGMILEEGAP
EGTVVTLLIKRSTGELMPLAARMGTHATMKIQGRTVGGQMGMLLTGSNAKSMDLGTTPGDCGCPYIYKRGNDYVVIGVHT
AAARGGNTVICATQGSEGEATLE
;
A,B,C,D
2 'polypeptide(L)' (UNK)(UNK)(UNK)(UNK)(UNK)(UNK) X
#
# COMPACT_ATOMS: atom_id res chain seq x y z
N SER A 6 -1.27 11.36 -14.24
CA SER A 6 -0.78 10.61 -15.39
C SER A 6 0.61 10.09 -15.10
N ILE A 7 1.54 11.01 -14.79
CA ILE A 7 2.88 10.60 -14.41
C ILE A 7 2.82 9.70 -13.17
N TRP A 8 1.86 9.97 -12.29
CA TRP A 8 1.73 9.19 -11.07
C TRP A 8 1.30 7.75 -11.34
N SER A 9 0.67 7.47 -12.48
CA SER A 9 0.23 6.12 -12.76
C SER A 9 1.39 5.25 -13.22
N ARG A 10 2.53 5.87 -13.48
CA ARG A 10 3.72 5.19 -13.98
C ARG A 10 4.59 4.68 -12.84
N ILE A 11 4.32 5.12 -11.62
CA ILE A 11 5.07 4.73 -10.43
C ILE A 11 4.19 3.71 -9.74
N VAL A 12 4.67 2.47 -9.65
CA VAL A 12 3.82 1.37 -9.20
C VAL A 12 4.55 0.61 -8.11
N ASN A 13 3.77 -0.09 -7.29
CA ASN A 13 4.35 -0.94 -6.26
C ASN A 13 5.16 -2.01 -6.96
N PHE A 14 6.32 -2.31 -6.40
CA PHE A 14 7.16 -3.37 -6.93
C PHE A 14 7.97 -3.88 -5.74
N GLY A 15 7.88 -5.17 -5.46
CA GLY A 15 8.62 -5.71 -4.33
C GLY A 15 8.27 -4.97 -3.07
N SER A 16 9.30 -4.65 -2.28
CA SER A 16 9.12 -3.93 -1.03
C SER A 16 9.19 -2.43 -1.20
N GLY A 17 9.17 -1.94 -2.43
CA GLY A 17 9.27 -0.53 -2.73
C GLY A 17 8.50 -0.19 -4.00
N TRP A 18 9.13 0.58 -4.89
CA TRP A 18 8.47 1.09 -6.08
C TRP A 18 9.33 0.87 -7.31
N GLY A 19 8.71 1.02 -8.47
CA GLY A 19 9.44 1.12 -9.72
C GLY A 19 8.74 2.09 -10.64
N PHE A 20 9.37 2.37 -11.78
CA PHE A 20 8.84 3.38 -12.70
C PHE A 20 8.91 2.91 -14.14
N TRP A 21 7.81 3.09 -14.84
CA TRP A 21 7.74 2.79 -16.27
C TRP A 21 8.27 3.98 -17.07
N VAL A 22 9.35 3.74 -17.81
CA VAL A 22 9.98 4.77 -18.62
C VAL A 22 9.34 4.79 -19.99
N SER A 23 8.97 3.62 -20.45
CA SER A 23 8.34 3.42 -21.75
C SER A 23 7.47 2.18 -21.64
N PRO A 24 6.67 1.91 -22.66
CA PRO A 24 5.84 0.69 -22.62
C PRO A 24 6.62 -0.60 -22.40
N SER A 25 7.92 -0.65 -22.64
CA SER A 25 8.65 -1.90 -22.40
C SER A 25 9.89 -1.68 -21.55
N LEU A 26 9.92 -0.64 -20.73
CA LEU A 26 11.12 -0.31 -19.98
C LEU A 26 10.72 0.15 -18.58
N PHE A 27 11.18 -0.59 -17.58
CA PHE A 27 10.82 -0.39 -16.19
C PHE A 27 12.10 -0.31 -15.37
N ILE A 28 12.23 0.73 -14.53
CA ILE A 28 13.42 0.89 -13.69
C ILE A 28 13.01 0.84 -12.23
N THR A 29 13.88 0.27 -11.41
CA THR A 29 13.67 0.15 -9.97
C THR A 29 15.02 0.01 -9.29
N SER A 30 14.98 -0.40 -8.03
CA SER A 30 16.19 -0.64 -7.24
C SER A 30 16.27 -2.11 -6.90
N THR A 31 17.50 -2.67 -6.89
CA THR A 31 17.68 -4.08 -6.56
C THR A 31 17.35 -4.36 -5.11
N HIS A 32 17.38 -3.32 -4.27
CA HIS A 32 17.05 -3.41 -2.86
C HIS A 32 15.60 -3.77 -2.66
N VAL A 33 14.78 -3.47 -3.66
CA VAL A 33 13.34 -3.69 -3.65
C VAL A 33 12.97 -5.10 -4.08
N ILE A 34 13.64 -5.62 -5.10
CA ILE A 34 13.26 -6.91 -5.70
C ILE A 34 13.41 -8.02 -4.68
N PRO A 35 12.38 -8.82 -4.42
CA PRO A 35 12.48 -9.85 -3.38
C PRO A 35 13.43 -10.97 -3.79
N GLN A 36 13.95 -11.65 -2.77
CA GLN A 36 14.85 -12.76 -3.00
C GLN A 36 14.08 -13.91 -3.65
N GLY A 37 14.70 -14.57 -4.61
CA GLY A 37 14.07 -15.73 -5.20
C GLY A 37 13.00 -15.43 -6.25
N ALA A 38 12.94 -14.21 -6.77
CA ALA A 38 11.92 -13.87 -7.74
C ALA A 38 12.02 -14.75 -9.00
N LYS A 39 10.85 -15.05 -9.58
CA LYS A 39 10.75 -15.88 -10.78
C LYS A 39 10.11 -15.16 -11.98
N GLU A 40 9.13 -14.27 -11.74
CA GLU A 40 8.40 -13.58 -12.80
C GLU A 40 8.19 -12.13 -12.42
N PHE A 41 8.19 -11.26 -13.42
CA PHE A 41 7.85 -9.85 -13.22
C PHE A 41 6.74 -9.46 -14.17
N PHE A 42 5.63 -8.98 -13.63
CA PHE A 42 4.47 -8.61 -14.43
C PHE A 42 4.00 -9.76 -15.29
N GLY A 43 4.13 -10.99 -14.78
CA GLY A 43 3.67 -12.14 -15.51
C GLY A 43 4.63 -12.66 -16.55
N VAL A 44 5.81 -12.08 -16.67
CA VAL A 44 6.81 -12.47 -17.67
C VAL A 44 7.95 -13.19 -16.96
N PRO A 45 8.28 -14.43 -17.32
CA PRO A 45 9.42 -15.12 -16.68
C PRO A 45 10.70 -14.29 -16.83
N ILE A 46 11.51 -14.27 -15.76
CA ILE A 46 12.74 -13.49 -15.78
C ILE A 46 13.63 -13.86 -16.96
N LYS A 47 13.69 -15.15 -17.30
CA LYS A 47 14.54 -15.58 -18.41
C LYS A 47 14.21 -14.91 -19.74
N GLN A 48 13.00 -14.36 -19.88
CA GLN A 48 12.60 -13.65 -21.09
C GLN A 48 12.83 -12.15 -20.98
N ILE A 49 13.31 -11.66 -19.85
CA ILE A 49 13.46 -10.24 -19.58
C ILE A 49 14.94 -9.87 -19.65
N GLN A 50 15.24 -8.77 -20.33
CA GLN A 50 16.61 -8.31 -20.38
C GLN A 50 16.85 -7.59 -19.06
N VAL A 51 17.88 -7.98 -18.33
CA VAL A 51 18.11 -7.43 -17.00
C VAL A 51 19.50 -6.83 -16.94
N HIS A 52 19.55 -5.55 -16.57
CA HIS A 52 20.77 -4.82 -16.33
C HIS A 52 20.74 -4.36 -14.89
N LYS A 53 21.75 -4.72 -14.12
CA LYS A 53 21.91 -4.25 -12.75
C LYS A 53 23.22 -3.49 -12.68
N SER A 54 23.16 -2.31 -12.08
CA SER A 54 24.33 -1.47 -11.93
C SER A 54 24.29 -0.94 -10.50
N GLY A 55 25.01 -1.59 -9.61
CA GLY A 55 24.88 -1.21 -8.21
C GLY A 55 23.45 -1.37 -7.78
N GLU A 56 22.88 -0.30 -7.22
CA GLU A 56 21.50 -0.36 -6.76
C GLU A 56 20.49 -0.13 -7.87
N PHE A 57 20.94 0.26 -9.06
CA PHE A 57 20.05 0.55 -10.17
C PHE A 57 19.70 -0.72 -10.93
N CYS A 58 18.41 -0.91 -11.21
CA CYS A 58 17.94 -2.07 -11.95
C CYS A 58 17.09 -1.61 -13.14
N ARG A 59 17.39 -2.15 -14.31
CA ARG A 59 16.66 -1.85 -15.54
C ARG A 59 16.15 -3.15 -16.16
N LEU A 60 14.84 -3.20 -16.37
CA LEU A 60 14.18 -4.36 -16.97
C LEU A 60 13.54 -3.94 -18.30
N ARG A 61 13.83 -4.68 -19.36
CA ARG A 61 13.22 -4.44 -20.66
C ARG A 61 12.42 -5.68 -21.05
N PHE A 62 11.15 -5.48 -21.41
CA PHE A 62 10.21 -6.57 -21.65
C PHE A 62 10.07 -6.92 -23.14
N PRO A 63 9.93 -8.21 -23.43
CA PRO A 63 9.63 -8.64 -24.81
C PRO A 63 8.43 -7.96 -25.44
N LYS A 64 7.39 -7.64 -24.68
CA LYS A 64 6.19 -7.07 -25.25
C LYS A 64 5.86 -5.75 -24.56
N PRO A 65 5.27 -4.81 -25.29
CA PRO A 65 5.01 -3.48 -24.71
C PRO A 65 3.88 -3.43 -23.70
N ILE A 66 4.06 -4.05 -22.53
CA ILE A 66 3.08 -3.95 -21.45
C ILE A 66 3.01 -2.50 -20.97
N ARG A 67 1.82 -2.04 -20.58
CA ARG A 67 1.59 -0.62 -20.31
C ARG A 67 1.70 0.20 -21.60
N THR A 68 0.87 -0.14 -22.59
CA THR A 68 0.86 0.56 -23.88
C THR A 68 0.37 2.00 -23.78
N ASP A 69 -0.18 2.41 -22.64
CA ASP A 69 -0.68 3.78 -22.47
C ASP A 69 0.39 4.83 -22.23
N VAL A 70 1.60 4.45 -21.83
CA VAL A 70 2.58 5.43 -21.38
C VAL A 70 3.39 5.97 -22.55
N THR A 71 3.75 7.25 -22.45
CA THR A 71 4.64 7.91 -23.40
C THR A 71 6.08 7.73 -22.94
N GLY A 72 6.93 7.21 -23.83
CA GLY A 72 8.31 6.96 -23.46
C GLY A 72 9.05 8.23 -23.07
N MET A 73 9.90 8.12 -22.06
CA MET A 73 10.74 9.18 -21.54
C MET A 73 12.21 8.88 -21.79
N ILE A 74 13.03 9.92 -21.64
CA ILE A 74 14.47 9.80 -21.80
C ILE A 74 15.08 9.37 -20.47
N LEU A 75 15.88 8.32 -20.51
CA LEU A 75 16.62 7.84 -19.35
C LEU A 75 18.07 8.27 -19.51
N GLU A 76 18.59 9.03 -18.53
CA GLU A 76 19.97 9.52 -18.53
C GLU A 76 20.67 9.10 -17.25
N GLU A 77 22.01 9.13 -17.28
CA GLU A 77 22.81 8.82 -16.10
C GLU A 77 23.05 10.10 -15.31
N GLY A 78 22.20 10.35 -14.32
CA GLY A 78 22.38 11.50 -13.47
C GLY A 78 22.04 12.78 -14.20
N ALA A 79 22.25 13.88 -13.48
CA ALA A 79 22.00 15.22 -13.96
C ALA A 79 23.23 16.07 -13.72
N PRO A 80 23.43 17.13 -14.50
CA PRO A 80 24.51 18.08 -14.22
C PRO A 80 24.42 18.61 -12.80
N GLU A 81 25.57 18.79 -12.16
CA GLU A 81 25.59 19.28 -10.79
C GLU A 81 24.89 20.64 -10.71
N GLY A 82 24.02 20.77 -9.72
CA GLY A 82 23.27 21.99 -9.49
C GLY A 82 21.87 21.96 -10.07
N THR A 83 21.59 21.01 -10.95
CA THR A 83 20.27 20.90 -11.56
C THR A 83 19.21 20.62 -10.50
N VAL A 84 18.11 21.34 -10.57
CA VAL A 84 16.98 21.06 -9.70
C VAL A 84 16.06 20.07 -10.41
N VAL A 85 15.73 18.99 -9.70
CA VAL A 85 14.88 17.94 -10.23
C VAL A 85 13.74 17.71 -9.25
N THR A 86 12.78 16.90 -9.69
CA THR A 86 11.65 16.53 -8.87
C THR A 86 11.79 15.07 -8.44
N LEU A 87 11.64 14.82 -7.15
CA LEU A 87 11.62 13.48 -6.59
C LEU A 87 10.16 13.10 -6.37
N LEU A 88 9.66 12.15 -7.14
CA LEU A 88 8.24 11.79 -7.09
C LEU A 88 8.07 10.54 -6.24
N ILE A 89 7.61 10.75 -5.01
CA ILE A 89 7.45 9.68 -4.05
C ILE A 89 5.97 9.39 -3.86
N LYS A 90 5.63 8.11 -3.87
CA LYS A 90 4.31 7.62 -3.51
C LYS A 90 4.41 6.86 -2.21
N ARG A 91 3.32 6.87 -1.46
CA ARG A 91 3.21 6.06 -0.27
C ARG A 91 2.07 5.08 -0.46
N SER A 92 2.18 3.94 0.22
CA SER A 92 1.15 2.93 0.14
C SER A 92 -0.19 3.44 0.67
N THR A 93 -0.18 4.54 1.43
CA THR A 93 -1.38 5.12 2.03
C THR A 93 -2.08 6.15 1.15
N GLY A 94 -1.61 6.38 -0.07
CA GLY A 94 -2.28 7.26 -1.01
C GLY A 94 -1.61 8.61 -1.26
N GLU A 95 -0.68 9.05 -0.43
CA GLU A 95 -0.03 10.32 -0.69
C GLU A 95 0.83 10.29 -1.95
N LEU A 96 0.75 11.37 -2.73
CA LEU A 96 1.58 11.62 -3.90
C LEU A 96 2.42 12.86 -3.56
N MET A 97 3.72 12.70 -3.39
CA MET A 97 4.51 13.82 -2.87
C MET A 97 5.64 14.23 -3.81
N PRO A 98 5.55 15.42 -4.46
CA PRO A 98 6.68 15.95 -5.24
C PRO A 98 7.64 16.76 -4.39
N LEU A 99 8.83 16.24 -4.16
CA LEU A 99 9.84 16.98 -3.41
C LEU A 99 10.87 17.58 -4.37
N ALA A 100 11.32 18.78 -4.07
CA ALA A 100 12.34 19.42 -4.88
C ALA A 100 13.72 18.92 -4.44
N ALA A 101 14.60 18.66 -5.41
CA ALA A 101 15.94 18.15 -5.10
C ALA A 101 16.99 18.79 -5.99
N ARG A 102 18.04 19.32 -5.37
CA ARG A 102 19.14 19.90 -6.11
C ARG A 102 20.28 18.87 -6.13
N MET A 103 20.70 18.48 -7.32
CA MET A 103 21.65 17.39 -7.46
C MET A 103 23.08 17.88 -7.32
N GLY A 104 23.87 17.08 -6.60
CA GLY A 104 25.27 17.32 -6.34
C GLY A 104 26.14 16.34 -7.10
N THR A 105 27.24 15.99 -6.47
CA THR A 105 28.25 15.12 -7.03
C THR A 105 27.90 13.65 -6.79
N HIS A 106 28.67 12.77 -7.43
CA HIS A 106 28.52 11.34 -7.20
C HIS A 106 29.11 10.99 -5.84
N ALA A 107 28.58 9.96 -5.20
CA ALA A 107 29.06 9.62 -3.87
C ALA A 107 28.68 8.20 -3.50
N THR A 108 29.33 7.73 -2.44
CA THR A 108 29.01 6.52 -1.73
C THR A 108 28.56 6.92 -0.34
N MET A 109 27.51 6.29 0.18
CA MET A 109 27.02 6.62 1.50
C MET A 109 26.68 5.37 2.28
N LYS A 110 27.02 5.39 3.58
CA LYS A 110 26.68 4.34 4.52
C LYS A 110 25.84 4.95 5.65
N ILE A 111 24.67 4.37 5.93
CA ILE A 111 23.78 4.87 6.97
C ILE A 111 23.70 3.90 8.15
N GLN A 112 23.34 2.66 7.88
CA GLN A 112 22.99 1.66 8.88
C GLN A 112 23.63 0.32 8.56
N GLY A 113 24.88 0.36 8.10
CA GLY A 113 25.60 -0.83 7.70
C GLY A 113 25.44 -1.14 6.24
N ARG A 114 24.44 -0.54 5.62
CA ARG A 114 24.13 -0.67 4.20
C ARG A 114 24.87 0.42 3.45
N THR A 115 25.54 0.04 2.37
CA THR A 115 26.26 1.00 1.53
C THR A 115 25.57 1.12 0.19
N VAL A 116 25.31 2.36 -0.22
CA VAL A 116 24.67 2.67 -1.48
C VAL A 116 25.55 3.67 -2.23
N GLY A 117 25.34 3.76 -3.52
CA GLY A 117 26.07 4.73 -4.31
C GLY A 117 25.21 5.24 -5.43
N GLY A 118 25.59 6.42 -5.91
CA GLY A 118 24.86 7.08 -6.96
C GLY A 118 25.15 8.56 -6.89
N GLN A 119 24.22 9.35 -7.40
CA GLN A 119 24.41 10.78 -7.39
C GLN A 119 23.74 11.34 -6.13
N MET A 120 24.46 12.17 -5.40
CA MET A 120 23.94 12.76 -4.19
C MET A 120 23.08 13.98 -4.52
N GLY A 121 22.04 14.19 -3.70
CA GLY A 121 21.21 15.36 -3.85
C GLY A 121 20.77 15.86 -2.50
N MET A 122 20.35 17.12 -2.48
CA MET A 122 19.86 17.78 -1.29
C MET A 122 18.40 18.14 -1.51
N LEU A 123 17.53 17.73 -0.60
CA LEU A 123 16.13 18.12 -0.73
C LEU A 123 15.97 19.52 -0.17
N LEU A 124 15.27 20.36 -0.91
CA LEU A 124 15.16 21.76 -0.56
C LEU A 124 14.16 21.99 0.55
N THR A 125 13.21 21.06 0.76
CA THR A 125 12.22 21.18 1.82
C THR A 125 12.19 19.91 2.67
N GLY A 126 13.27 19.15 2.66
CA GLY A 126 13.32 17.88 3.36
C GLY A 126 12.91 17.99 4.81
N SER A 127 13.57 18.88 5.55
CA SER A 127 13.24 19.09 6.94
C SER A 127 11.80 19.53 7.10
N ASN A 128 11.32 20.37 6.19
CA ASN A 128 9.97 20.89 6.33
C ASN A 128 8.97 19.75 6.17
N ALA A 129 9.10 18.96 5.09
CA ALA A 129 8.18 17.85 4.87
C ALA A 129 8.23 16.85 6.02
N LYS A 130 9.43 16.57 6.53
CA LYS A 130 9.56 15.62 7.62
C LYS A 130 8.86 16.11 8.87
N SER A 131 8.96 17.41 9.16
CA SER A 131 8.35 17.92 10.38
C SER A 131 6.84 17.71 10.36
N MET A 132 6.23 17.62 9.18
CA MET A 132 4.81 17.30 9.08
C MET A 132 4.58 15.85 8.70
N ASP A 133 5.58 15.00 8.86
CA ASP A 133 5.44 13.58 8.61
C ASP A 133 5.06 13.30 7.16
N LEU A 134 5.64 14.08 6.26
CA LEU A 134 5.45 13.92 4.81
C LEU A 134 6.80 13.86 4.11
N GLY A 135 7.82 13.37 4.82
CA GLY A 135 9.17 13.28 4.29
C GLY A 135 9.50 11.90 3.76
N THR A 136 10.78 11.73 3.47
CA THR A 136 11.31 10.46 3.00
C THR A 136 11.29 9.41 4.10
N THR A 137 10.94 8.19 3.72
CA THR A 137 10.89 7.03 4.61
C THR A 137 11.54 5.85 3.89
N PRO A 138 11.92 4.80 4.63
CA PRO A 138 12.57 3.65 3.99
C PRO A 138 11.77 2.99 2.87
N GLY A 139 10.45 3.16 2.84
CA GLY A 139 9.65 2.55 1.81
C GLY A 139 9.57 3.30 0.50
N ASP A 140 10.22 4.44 0.41
CA ASP A 140 10.21 5.27 -0.78
C ASP A 140 11.22 4.81 -1.81
N CYS A 141 12.01 3.80 -1.49
CA CYS A 141 13.01 3.28 -2.40
C CYS A 141 12.42 2.86 -3.75
N GLY A 142 13.07 3.30 -4.83
CA GLY A 142 12.64 3.03 -6.20
C GLY A 142 11.93 4.16 -6.91
N CYS A 143 11.49 5.18 -6.19
CA CYS A 143 10.79 6.31 -6.81
C CYS A 143 11.72 7.15 -7.68
N PRO A 144 11.23 7.63 -8.82
CA PRO A 144 12.07 8.33 -9.80
C PRO A 144 12.44 9.77 -9.44
N TYR A 145 13.56 10.18 -10.02
CA TYR A 145 14.02 11.57 -10.05
C TYR A 145 13.84 12.04 -11.49
N ILE A 146 12.96 13.01 -11.69
CA ILE A 146 12.57 13.48 -13.01
C ILE A 146 12.69 14.98 -13.10
N TYR A 147 13.15 15.47 -14.26
CA TYR A 147 13.11 16.90 -14.55
C TYR A 147 12.75 17.07 -16.01
N LYS A 148 12.25 18.24 -16.35
CA LYS A 148 11.92 18.56 -17.73
C LYS A 148 13.02 19.44 -18.31
N ARG A 149 13.56 19.03 -19.44
CA ARG A 149 14.64 19.74 -20.13
C ARG A 149 14.09 20.29 -21.43
N GLY A 150 13.82 21.58 -21.47
CA GLY A 150 13.14 22.09 -22.64
C GLY A 150 11.81 21.37 -22.72
N ASN A 151 11.58 20.67 -23.83
CA ASN A 151 10.35 19.92 -24.03
C ASN A 151 10.57 18.43 -23.81
N ASP A 152 11.75 18.06 -23.30
CA ASP A 152 12.07 16.68 -22.97
C ASP A 152 11.67 16.41 -21.53
N TYR A 153 11.24 15.17 -21.28
CA TYR A 153 11.05 14.69 -19.91
C TYR A 153 12.16 13.67 -19.63
N VAL A 154 12.99 13.98 -18.64
CA VAL A 154 14.21 13.21 -18.38
C VAL A 154 14.14 12.52 -17.02
N VAL A 155 14.47 11.22 -17.02
CA VAL A 155 14.54 10.43 -15.80
C VAL A 155 16.03 10.22 -15.53
N ILE A 156 16.50 10.61 -14.35
CA ILE A 156 17.94 10.53 -14.07
C ILE A 156 18.29 9.39 -13.13
N GLY A 157 17.31 8.71 -12.55
CA GLY A 157 17.61 7.62 -11.66
C GLY A 157 16.47 7.35 -10.70
N VAL A 158 16.72 6.42 -9.77
CA VAL A 158 15.72 6.03 -8.78
C VAL A 158 16.31 6.21 -7.39
N HIS A 159 15.42 6.55 -6.47
CA HIS A 159 15.75 6.74 -5.07
C HIS A 159 16.20 5.44 -4.40
N THR A 160 17.33 5.49 -3.69
CA THR A 160 17.79 4.33 -2.92
C THR A 160 17.99 4.60 -1.45
N ALA A 161 18.26 5.84 -1.04
CA ALA A 161 18.53 6.09 0.37
C ALA A 161 18.30 7.56 0.68
N ALA A 162 18.01 7.81 1.95
CA ALA A 162 17.90 9.17 2.47
C ALA A 162 18.49 9.18 3.86
N ALA A 163 19.16 10.27 4.21
CA ALA A 163 19.67 10.40 5.56
C ALA A 163 18.51 10.54 6.55
N ARG A 164 18.79 10.24 7.82
CA ARG A 164 17.77 10.31 8.85
C ARG A 164 17.19 11.73 8.98
N GLY A 165 17.93 12.76 8.60
CA GLY A 165 17.43 14.13 8.66
C GLY A 165 16.48 14.50 7.52
N GLY A 166 16.34 13.65 6.50
CA GLY A 166 15.41 13.91 5.44
C GLY A 166 15.86 14.85 4.34
N ASN A 167 17.11 15.33 4.37
CA ASN A 167 17.56 16.25 3.33
C ASN A 167 18.54 15.66 2.33
N THR A 168 19.44 14.78 2.77
CA THR A 168 20.44 14.22 1.87
C THR A 168 19.92 12.92 1.29
N VAL A 169 19.95 12.83 -0.04
CA VAL A 169 19.45 11.66 -0.74
C VAL A 169 20.48 11.15 -1.74
N ILE A 170 20.36 9.87 -2.07
CA ILE A 170 21.15 9.23 -3.12
C ILE A 170 20.23 8.72 -4.22
N CYS A 171 20.57 9.07 -5.44
CA CYS A 171 19.90 8.65 -6.66
C CYS A 171 20.76 7.61 -7.37
N ALA A 172 20.26 6.38 -7.52
CA ALA A 172 20.99 5.39 -8.28
C ALA A 172 20.81 5.68 -9.78
N THR A 173 21.88 5.49 -10.57
CA THR A 173 21.84 5.86 -11.99
C THR A 173 22.29 4.73 -12.91
N GLN A 174 22.10 5.00 -14.22
CA GLN A 174 22.44 4.18 -15.41
C GLN A 174 21.22 3.93 -16.28
N SER B 6 -5.75 -22.81 -13.72
CA SER B 6 -5.69 -22.23 -12.38
C SER B 6 -6.45 -20.91 -12.34
N ILE B 7 -7.25 -20.73 -11.27
CA ILE B 7 -8.00 -19.48 -11.09
C ILE B 7 -7.07 -18.26 -11.13
N TRP B 8 -5.82 -18.43 -10.73
CA TRP B 8 -4.89 -17.32 -10.69
C TRP B 8 -4.56 -16.80 -12.09
N SER B 9 -4.73 -17.63 -13.11
CA SER B 9 -4.38 -17.23 -14.46
C SER B 9 -5.40 -16.27 -15.06
N ARG B 10 -6.52 -16.04 -14.39
CA ARG B 10 -7.55 -15.14 -14.87
C ARG B 10 -7.34 -13.72 -14.41
N ILE B 11 -6.36 -13.49 -13.55
CA ILE B 11 -6.05 -12.18 -13.02
C ILE B 11 -4.84 -11.69 -13.80
N VAL B 12 -4.98 -10.59 -14.52
CA VAL B 12 -3.92 -10.13 -15.41
C VAL B 12 -3.66 -8.66 -15.17
N ASN B 13 -2.45 -8.22 -15.51
CA ASN B 13 -2.16 -6.80 -15.42
C ASN B 13 -3.07 -6.04 -16.36
N PHE B 14 -3.55 -4.89 -15.91
CA PHE B 14 -4.41 -4.06 -16.74
C PHE B 14 -4.21 -2.62 -16.30
N GLY B 15 -3.71 -1.79 -17.22
CA GLY B 15 -3.41 -0.43 -16.87
C GLY B 15 -2.42 -0.43 -15.72
N SER B 16 -2.70 0.36 -14.70
CA SER B 16 -1.84 0.51 -13.54
C SER B 16 -2.14 -0.52 -12.46
N GLY B 17 -3.09 -1.42 -12.69
CA GLY B 17 -3.51 -2.41 -11.72
C GLY B 17 -3.84 -3.76 -12.34
N TRP B 18 -5.00 -4.32 -11.97
CA TRP B 18 -5.37 -5.66 -12.41
C TRP B 18 -6.80 -5.68 -12.92
N GLY B 19 -7.13 -6.77 -13.61
CA GLY B 19 -8.50 -7.08 -13.97
C GLY B 19 -8.67 -8.58 -13.92
N PHE B 20 -9.91 -9.04 -14.12
CA PHE B 20 -10.23 -10.45 -13.95
C PHE B 20 -11.18 -10.91 -15.03
N TRP B 21 -10.86 -12.06 -15.64
CA TRP B 21 -11.73 -12.69 -16.63
C TRP B 21 -12.80 -13.55 -15.97
N VAL B 22 -14.04 -13.13 -16.12
CA VAL B 22 -15.18 -13.85 -15.56
C VAL B 22 -15.60 -14.94 -16.53
N SER B 23 -15.55 -14.60 -17.81
CA SER B 23 -15.84 -15.52 -18.90
C SER B 23 -14.97 -15.08 -20.07
N PRO B 24 -14.87 -15.90 -21.11
CA PRO B 24 -14.10 -15.48 -22.30
C PRO B 24 -14.56 -14.18 -22.93
N SER B 25 -15.76 -13.69 -22.62
CA SER B 25 -16.26 -12.46 -23.23
C SER B 25 -16.59 -11.41 -22.17
N LEU B 26 -16.00 -11.51 -20.98
CA LEU B 26 -16.36 -10.61 -19.90
C LEU B 26 -15.14 -10.38 -19.01
N PHE B 27 -14.74 -9.11 -18.90
CA PHE B 27 -13.57 -8.71 -18.13
C PHE B 27 -14.03 -7.66 -17.14
N ILE B 28 -13.62 -7.81 -15.87
CA ILE B 28 -13.97 -6.84 -14.84
C ILE B 28 -12.69 -6.23 -14.27
N THR B 29 -12.75 -4.96 -13.94
CA THR B 29 -11.63 -4.26 -13.34
C THR B 29 -12.18 -3.10 -12.52
N SER B 30 -11.28 -2.26 -12.02
CA SER B 30 -11.66 -1.05 -11.31
C SER B 30 -11.47 0.13 -12.26
N THR B 31 -12.35 1.13 -12.17
CA THR B 31 -12.21 2.31 -13.03
C THR B 31 -10.98 3.12 -12.63
N HIS B 32 -10.46 2.87 -11.44
CA HIS B 32 -9.29 3.56 -10.93
C HIS B 32 -8.03 3.27 -11.74
N VAL B 33 -7.98 2.14 -12.45
CA VAL B 33 -6.76 1.69 -13.13
C VAL B 33 -6.88 1.70 -14.64
N ILE B 34 -8.04 2.02 -15.19
CA ILE B 34 -8.22 1.94 -16.64
C ILE B 34 -7.40 3.05 -17.30
N PRO B 35 -6.57 2.75 -18.30
CA PRO B 35 -5.86 3.84 -18.98
C PRO B 35 -6.88 4.69 -19.71
N GLN B 36 -6.70 6.00 -19.65
CA GLN B 36 -7.68 6.89 -20.28
C GLN B 36 -7.27 7.17 -21.72
N GLY B 37 -8.27 7.35 -22.58
CA GLY B 37 -8.01 7.61 -23.98
C GLY B 37 -7.65 6.37 -24.74
N ALA B 38 -7.85 5.20 -24.14
CA ALA B 38 -7.48 3.93 -24.74
C ALA B 38 -8.23 3.69 -26.05
N LYS B 39 -7.55 3.04 -26.99
CA LYS B 39 -8.13 2.72 -28.29
C LYS B 39 -8.43 1.24 -28.48
N GLU B 40 -7.63 0.36 -27.89
CA GLU B 40 -7.88 -1.07 -27.99
C GLU B 40 -7.57 -1.73 -26.66
N PHE B 41 -8.33 -2.78 -26.37
CA PHE B 41 -8.06 -3.67 -25.24
C PHE B 41 -7.97 -5.09 -25.77
N PHE B 42 -6.84 -5.76 -25.51
CA PHE B 42 -6.65 -7.14 -25.96
C PHE B 42 -6.82 -7.26 -27.47
N GLY B 43 -6.46 -6.20 -28.20
CA GLY B 43 -6.55 -6.21 -29.65
C GLY B 43 -7.91 -5.86 -30.23
N VAL B 44 -8.89 -5.50 -29.41
CA VAL B 44 -10.25 -5.21 -29.89
C VAL B 44 -10.50 -3.70 -29.79
N PRO B 45 -10.92 -3.05 -30.88
CA PRO B 45 -11.23 -1.62 -30.83
C PRO B 45 -12.25 -1.23 -29.77
N ILE B 46 -11.98 -0.09 -29.11
CA ILE B 46 -12.84 0.44 -28.05
C ILE B 46 -14.30 0.53 -28.48
N LYS B 47 -14.56 0.92 -29.74
CA LYS B 47 -15.94 1.06 -30.21
C LYS B 47 -16.69 -0.26 -30.27
N GLN B 48 -15.98 -1.38 -30.36
CA GLN B 48 -16.63 -2.68 -30.45
C GLN B 48 -16.90 -3.31 -29.09
N ILE B 49 -16.44 -2.71 -28.01
CA ILE B 49 -16.54 -3.28 -26.66
C ILE B 49 -17.67 -2.57 -25.91
N GLN B 50 -18.56 -3.38 -25.32
CA GLN B 50 -19.67 -2.88 -24.53
C GLN B 50 -19.16 -2.63 -23.10
N VAL B 51 -19.29 -1.40 -22.62
CA VAL B 51 -18.69 -0.99 -21.35
C VAL B 51 -19.75 -0.44 -20.40
N HIS B 52 -19.71 -0.91 -19.16
CA HIS B 52 -20.58 -0.46 -18.09
C HIS B 52 -19.74 -0.09 -16.88
N LYS B 53 -20.06 1.04 -16.25
CA LYS B 53 -19.34 1.51 -15.08
C LYS B 53 -20.31 1.85 -13.96
N SER B 54 -20.01 1.36 -12.76
CA SER B 54 -20.81 1.63 -11.56
C SER B 54 -19.85 2.09 -10.48
N GLY B 55 -19.85 3.36 -10.16
CA GLY B 55 -18.89 3.82 -9.17
C GLY B 55 -17.52 3.48 -9.70
N GLU B 56 -16.76 2.72 -8.94
CA GLU B 56 -15.43 2.32 -9.35
C GLU B 56 -15.40 0.94 -9.98
N PHE B 57 -16.56 0.31 -10.21
CA PHE B 57 -16.63 -1.01 -10.84
C PHE B 57 -16.76 -0.84 -12.35
N CYS B 58 -15.97 -1.60 -13.10
CA CYS B 58 -16.02 -1.54 -14.56
C CYS B 58 -16.16 -2.94 -15.15
N ARG B 59 -17.09 -3.07 -16.10
CA ARG B 59 -17.36 -4.32 -16.79
C ARG B 59 -17.16 -4.17 -18.29
N LEU B 60 -16.34 -5.04 -18.88
CA LEU B 60 -16.06 -5.03 -20.31
C LEU B 60 -16.59 -6.30 -20.98
N ARG B 61 -17.50 -6.13 -21.94
CA ARG B 61 -18.07 -7.24 -22.71
C ARG B 61 -17.48 -7.19 -24.12
N PHE B 62 -16.79 -8.26 -24.53
CA PHE B 62 -16.10 -8.31 -25.81
C PHE B 62 -16.94 -9.01 -26.88
N PRO B 63 -16.94 -8.50 -28.11
CA PRO B 63 -17.67 -9.19 -29.21
C PRO B 63 -17.34 -10.66 -29.36
N LYS B 64 -16.09 -11.05 -29.12
CA LYS B 64 -15.67 -12.42 -29.35
C LYS B 64 -15.02 -13.00 -28.11
N PRO B 65 -15.13 -14.31 -27.93
CA PRO B 65 -14.58 -14.95 -26.72
C PRO B 65 -13.07 -15.08 -26.68
N ILE B 66 -12.35 -13.95 -26.54
CA ILE B 66 -10.91 -14.02 -26.30
C ILE B 66 -10.69 -14.69 -24.93
N ARG B 67 -9.56 -15.40 -24.77
CA ARG B 67 -9.36 -16.25 -23.60
C ARG B 67 -10.42 -17.36 -23.53
N THR B 68 -10.47 -18.18 -24.60
CA THR B 68 -11.47 -19.24 -24.66
C THR B 68 -11.26 -20.33 -23.60
N ASP B 69 -10.09 -20.38 -22.97
CA ASP B 69 -9.81 -21.37 -21.93
C ASP B 69 -10.54 -21.07 -20.63
N VAL B 70 -11.10 -19.88 -20.50
CA VAL B 70 -11.76 -19.45 -19.27
C VAL B 70 -13.16 -20.03 -19.15
N THR B 71 -13.42 -20.68 -18.02
CA THR B 71 -14.74 -21.22 -17.71
C THR B 71 -15.57 -20.12 -17.06
N GLY B 72 -16.73 -19.82 -17.64
CA GLY B 72 -17.57 -18.76 -17.11
C GLY B 72 -18.02 -19.07 -15.69
N MET B 73 -17.91 -18.10 -14.80
CA MET B 73 -18.30 -18.25 -13.41
C MET B 73 -19.35 -17.20 -13.07
N ILE B 74 -19.86 -17.27 -11.84
CA ILE B 74 -20.98 -16.43 -11.42
C ILE B 74 -20.49 -15.06 -10.96
N LEU B 75 -21.05 -14.00 -11.53
CA LEU B 75 -20.81 -12.61 -11.13
C LEU B 75 -22.07 -12.01 -10.53
N GLU B 76 -22.00 -11.54 -9.28
CA GLU B 76 -23.16 -10.96 -8.63
C GLU B 76 -22.73 -9.77 -7.78
N GLU B 77 -23.73 -9.01 -7.33
CA GLU B 77 -23.49 -7.76 -6.60
C GLU B 77 -23.28 -8.03 -5.12
N GLY B 78 -22.01 -8.15 -4.73
CA GLY B 78 -21.69 -8.36 -3.36
C GLY B 78 -22.04 -9.78 -2.92
N ALA B 79 -21.93 -9.98 -1.61
CA ALA B 79 -22.23 -11.24 -0.96
C ALA B 79 -23.12 -10.97 0.24
N PRO B 80 -23.89 -11.97 0.68
CA PRO B 80 -24.69 -11.81 1.91
C PRO B 80 -23.80 -11.37 3.06
N GLU B 81 -24.32 -10.47 3.89
CA GLU B 81 -23.53 -9.96 4.99
C GLU B 81 -23.09 -11.10 5.89
N GLY B 82 -21.83 -11.01 6.35
CA GLY B 82 -21.21 -12.01 7.20
C GLY B 82 -20.47 -13.08 6.45
N THR B 83 -20.65 -13.16 5.13
CA THR B 83 -19.96 -14.15 4.32
C THR B 83 -18.47 -13.92 4.34
N VAL B 84 -17.71 -14.99 4.49
CA VAL B 84 -16.27 -14.90 4.38
C VAL B 84 -15.88 -15.29 2.96
N VAL B 85 -15.14 -14.42 2.29
CA VAL B 85 -14.75 -14.61 0.89
C VAL B 85 -13.23 -14.51 0.82
N THR B 86 -12.68 -14.86 -0.33
CA THR B 86 -11.25 -14.75 -0.55
C THR B 86 -10.97 -13.60 -1.51
N LEU B 87 -9.99 -12.78 -1.13
CA LEU B 87 -9.48 -11.73 -2.00
C LEU B 87 -8.20 -12.25 -2.62
N LEU B 88 -8.20 -12.43 -3.94
CA LEU B 88 -7.07 -13.04 -4.65
C LEU B 88 -6.15 -11.93 -5.14
N ILE B 89 -5.02 -11.78 -4.47
CA ILE B 89 -4.05 -10.72 -4.76
C ILE B 89 -2.87 -11.31 -5.49
N LYS B 90 -2.49 -10.67 -6.59
CA LYS B 90 -1.25 -10.96 -7.30
C LYS B 90 -0.36 -9.74 -7.16
N ARG B 91 0.93 -9.97 -7.00
CA ARG B 91 1.88 -8.87 -6.94
C ARG B 91 2.69 -8.77 -8.23
N SER B 92 3.24 -7.58 -8.46
CA SER B 92 4.06 -7.32 -9.63
C SER B 92 5.27 -8.24 -9.71
N THR B 93 5.71 -8.79 -8.57
CA THR B 93 6.87 -9.66 -8.50
C THR B 93 6.49 -11.13 -8.47
N GLY B 94 5.27 -11.45 -8.87
CA GLY B 94 4.81 -12.81 -9.03
C GLY B 94 4.23 -13.47 -7.80
N GLU B 95 4.25 -12.80 -6.66
CA GLU B 95 3.71 -13.39 -5.44
C GLU B 95 2.20 -13.54 -5.57
N LEU B 96 1.67 -14.65 -5.06
CA LEU B 96 0.23 -14.91 -5.04
C LEU B 96 -0.21 -14.89 -3.59
N MET B 97 -1.30 -14.17 -3.30
CA MET B 97 -1.69 -14.16 -1.90
C MET B 97 -3.19 -14.03 -1.71
N PRO B 98 -3.87 -15.11 -1.33
CA PRO B 98 -5.31 -15.05 -1.03
C PRO B 98 -5.48 -14.60 0.42
N LEU B 99 -6.26 -13.53 0.61
CA LEU B 99 -6.55 -13.04 1.94
C LEU B 99 -8.02 -13.30 2.26
N ALA B 100 -8.29 -13.74 3.49
CA ALA B 100 -9.66 -13.91 3.91
C ALA B 100 -10.26 -12.54 4.20
N ALA B 101 -11.55 -12.41 3.94
CA ALA B 101 -12.26 -11.18 4.30
C ALA B 101 -13.69 -11.53 4.69
N ARG B 102 -14.16 -10.89 5.75
CA ARG B 102 -15.53 -11.00 6.19
C ARG B 102 -16.27 -9.79 5.61
N MET B 103 -17.34 -10.05 4.87
CA MET B 103 -18.07 -8.99 4.21
C MET B 103 -19.17 -8.43 5.10
N GLY B 104 -19.27 -7.11 5.12
CA GLY B 104 -20.26 -6.42 5.91
C GLY B 104 -21.31 -5.73 5.07
N THR B 105 -21.78 -4.59 5.56
CA THR B 105 -22.86 -3.85 4.94
C THR B 105 -22.52 -3.36 3.54
N HIS B 106 -23.54 -3.30 2.68
CA HIS B 106 -23.44 -2.63 1.39
C HIS B 106 -23.60 -1.14 1.63
N ALA B 107 -22.88 -0.31 0.85
CA ALA B 107 -23.00 1.13 1.07
C ALA B 107 -22.29 1.89 -0.04
N THR B 108 -22.54 3.19 -0.08
CA THR B 108 -21.71 4.14 -0.81
C THR B 108 -20.62 4.59 0.17
N MET B 109 -19.36 4.42 -0.24
CA MET B 109 -18.26 4.47 0.72
C MET B 109 -17.62 5.83 1.03
N LYS B 110 -17.58 6.80 0.12
CA LYS B 110 -16.93 8.06 0.49
C LYS B 110 -15.59 7.88 1.23
N ILE B 111 -14.53 7.43 0.54
CA ILE B 111 -13.24 7.17 1.15
C ILE B 111 -12.16 8.03 0.47
N GLN B 112 -11.35 8.74 1.29
CA GLN B 112 -10.28 9.63 0.82
C GLN B 112 -10.72 10.58 -0.28
N GLY B 113 -11.94 11.12 -0.17
CA GLY B 113 -12.44 12.06 -1.14
C GLY B 113 -13.07 11.40 -2.35
N ARG B 114 -12.99 10.08 -2.47
CA ARG B 114 -13.53 9.34 -3.60
C ARG B 114 -14.78 8.58 -3.15
N THR B 115 -15.80 8.58 -4.00
CA THR B 115 -17.06 7.89 -3.73
C THR B 115 -17.06 6.54 -4.41
N VAL B 116 -17.33 5.48 -3.65
CA VAL B 116 -17.33 4.13 -4.18
C VAL B 116 -18.65 3.45 -3.82
N GLY B 117 -19.30 2.86 -4.82
CA GLY B 117 -20.46 2.03 -4.57
C GLY B 117 -19.94 0.63 -4.46
N GLY B 118 -20.36 -0.07 -3.42
CA GLY B 118 -19.88 -1.43 -3.22
C GLY B 118 -20.19 -1.96 -1.82
N GLN B 119 -19.29 -2.80 -1.31
CA GLN B 119 -19.48 -3.47 -0.04
C GLN B 119 -18.21 -3.43 0.80
N MET B 120 -18.39 -3.17 2.10
CA MET B 120 -17.28 -3.19 3.04
C MET B 120 -16.92 -4.61 3.44
N GLY B 121 -15.65 -4.78 3.81
CA GLY B 121 -15.21 -6.01 4.42
C GLY B 121 -14.02 -5.76 5.31
N MET B 122 -13.67 -6.80 6.07
CA MET B 122 -12.55 -6.69 6.99
C MET B 122 -11.66 -7.92 6.85
N LEU B 123 -10.37 -7.68 6.70
CA LEU B 123 -9.41 -8.75 6.47
C LEU B 123 -9.22 -9.59 7.72
N LEU B 124 -9.16 -10.90 7.54
CA LEU B 124 -8.92 -11.85 8.62
C LEU B 124 -7.54 -12.45 8.42
N THR B 125 -6.55 -11.82 9.01
CA THR B 125 -5.16 -12.23 8.85
C THR B 125 -4.51 -12.46 10.21
N GLY B 126 -5.30 -12.61 11.26
CA GLY B 126 -4.76 -12.71 12.60
C GLY B 126 -4.36 -11.36 13.12
N SER B 127 -3.07 -11.12 13.32
CA SER B 127 -2.65 -9.80 13.77
C SER B 127 -3.02 -8.74 12.72
N ASN B 128 -3.04 -7.49 13.15
CA ASN B 128 -3.30 -6.36 12.27
C ASN B 128 -2.56 -6.55 10.96
N ALA B 129 -3.30 -6.47 9.85
CA ALA B 129 -2.75 -6.79 8.53
C ALA B 129 -1.51 -5.98 8.15
N LYS B 130 -1.50 -4.66 8.41
CA LYS B 130 -0.32 -3.88 8.00
C LYS B 130 0.83 -4.09 8.96
N SER B 131 0.53 -4.40 10.22
CA SER B 131 1.55 -4.61 11.23
C SER B 131 2.52 -5.73 10.85
N MET B 132 2.02 -6.79 10.20
CA MET B 132 2.86 -7.88 9.73
C MET B 132 3.16 -7.84 8.23
N ASP B 133 3.03 -6.68 7.61
CA ASP B 133 3.28 -6.51 6.16
C ASP B 133 2.43 -7.45 5.32
N LEU B 134 1.19 -7.60 5.73
CA LEU B 134 0.16 -8.33 5.02
C LEU B 134 -0.81 -7.26 4.54
N GLY B 135 -1.89 -7.65 3.94
CA GLY B 135 -2.84 -6.64 3.53
C GLY B 135 -2.56 -6.08 2.16
N THR B 136 -3.35 -5.09 1.80
CA THR B 136 -3.39 -4.58 0.44
C THR B 136 -2.50 -3.37 0.24
N THR B 137 -2.23 -3.09 -1.02
CA THR B 137 -1.48 -1.92 -1.49
C THR B 137 -2.30 -1.25 -2.56
N PRO B 138 -1.96 -0.02 -2.93
CA PRO B 138 -2.65 0.63 -4.05
C PRO B 138 -2.56 -0.16 -5.33
N GLY B 139 -1.51 -0.96 -5.50
CA GLY B 139 -1.32 -1.72 -6.71
C GLY B 139 -2.16 -2.96 -6.81
N ASP B 140 -2.98 -3.22 -5.82
CA ASP B 140 -3.83 -4.40 -5.81
C ASP B 140 -5.22 -4.13 -6.36
N CYS B 141 -5.53 -2.90 -6.79
CA CYS B 141 -6.86 -2.61 -7.30
C CYS B 141 -7.17 -3.46 -8.52
N GLY B 142 -8.40 -3.94 -8.57
CA GLY B 142 -8.86 -4.79 -9.65
C GLY B 142 -8.87 -6.26 -9.32
N CYS B 143 -8.22 -6.66 -8.22
CA CYS B 143 -8.20 -8.05 -7.82
C CYS B 143 -9.57 -8.51 -7.33
N PRO B 144 -10.00 -9.71 -7.72
CA PRO B 144 -11.37 -10.17 -7.43
C PRO B 144 -11.56 -10.69 -6.01
N TYR B 145 -12.81 -10.56 -5.54
CA TYR B 145 -13.29 -11.19 -4.33
C TYR B 145 -14.15 -12.38 -4.71
N ILE B 146 -13.71 -13.57 -4.34
CA ILE B 146 -14.34 -14.80 -4.78
C ILE B 146 -14.64 -15.71 -3.60
N TYR B 147 -15.78 -16.38 -3.64
CA TYR B 147 -16.08 -17.42 -2.66
C TYR B 147 -16.84 -18.54 -3.35
N LYS B 148 -16.81 -19.73 -2.74
CA LYS B 148 -17.51 -20.89 -3.27
C LYS B 148 -18.88 -21.08 -2.61
N ARG B 149 -19.89 -21.25 -3.45
CA ARG B 149 -21.27 -21.47 -3.02
C ARG B 149 -21.68 -22.84 -3.53
N GLY B 150 -21.73 -23.83 -2.64
CA GLY B 150 -21.95 -25.19 -3.09
C GLY B 150 -20.76 -25.67 -3.92
N ASN B 151 -21.01 -26.00 -5.18
CA ASN B 151 -19.94 -26.45 -6.07
C ASN B 151 -19.59 -25.37 -7.10
N ASP B 152 -20.12 -24.16 -6.92
CA ASP B 152 -19.88 -23.03 -7.82
C ASP B 152 -18.92 -22.04 -7.20
N TYR B 153 -18.19 -21.33 -8.05
CA TYR B 153 -17.36 -20.20 -7.61
C TYR B 153 -18.09 -18.92 -7.99
N VAL B 154 -18.10 -17.97 -7.06
CA VAL B 154 -18.83 -16.72 -7.23
C VAL B 154 -17.89 -15.52 -7.07
N VAL B 155 -18.01 -14.56 -7.99
CA VAL B 155 -17.23 -13.33 -7.99
C VAL B 155 -18.18 -12.20 -7.59
N ILE B 156 -17.80 -11.40 -6.59
CA ILE B 156 -18.69 -10.37 -6.07
C ILE B 156 -18.22 -8.95 -6.38
N GLY B 157 -17.05 -8.77 -6.95
CA GLY B 157 -16.53 -7.44 -7.24
C GLY B 157 -15.01 -7.44 -7.24
N VAL B 158 -14.46 -6.23 -7.27
CA VAL B 158 -13.01 -6.05 -7.34
C VAL B 158 -12.54 -5.13 -6.23
N HIS B 159 -11.31 -5.37 -5.80
CA HIS B 159 -10.68 -4.50 -4.83
C HIS B 159 -10.48 -3.14 -5.45
N THR B 160 -10.92 -2.11 -4.75
CA THR B 160 -10.75 -0.76 -5.23
C THR B 160 -10.19 0.19 -4.19
N ALA B 161 -10.36 -0.09 -2.90
CA ALA B 161 -9.91 0.81 -1.85
C ALA B 161 -9.66 0.04 -0.57
N ALA B 162 -8.91 0.66 0.34
CA ALA B 162 -8.72 0.09 1.66
C ALA B 162 -8.53 1.23 2.65
N ALA B 163 -8.95 0.98 3.89
CA ALA B 163 -8.72 1.96 4.93
C ALA B 163 -7.23 2.12 5.16
N ARG B 164 -6.86 3.31 5.60
CA ARG B 164 -5.47 3.64 5.85
C ARG B 164 -4.84 2.63 6.78
N GLY B 165 -5.61 2.14 7.76
CA GLY B 165 -5.14 1.10 8.65
C GLY B 165 -4.86 -0.21 7.93
N GLY B 166 -5.66 -0.52 6.91
CA GLY B 166 -5.47 -1.67 6.04
C GLY B 166 -6.31 -2.87 6.37
N ASN B 167 -6.87 -2.95 7.58
CA ASN B 167 -7.77 -4.06 7.90
C ASN B 167 -9.10 -3.93 7.16
N THR B 168 -9.65 -2.72 7.07
CA THR B 168 -10.92 -2.50 6.39
C THR B 168 -10.66 -2.33 4.91
N VAL B 169 -11.42 -3.07 4.09
CA VAL B 169 -11.25 -3.07 2.64
C VAL B 169 -12.61 -2.80 2.03
N ILE B 170 -12.60 -2.24 0.82
CA ILE B 170 -13.83 -1.99 0.07
C ILE B 170 -13.80 -2.73 -1.25
N CYS B 171 -14.85 -3.50 -1.48
CA CYS B 171 -15.11 -4.23 -2.71
C CYS B 171 -16.05 -3.43 -3.58
N ALA B 172 -15.62 -3.06 -4.78
CA ALA B 172 -16.52 -2.33 -5.67
C ALA B 172 -17.46 -3.34 -6.29
N THR B 173 -18.74 -2.96 -6.42
CA THR B 173 -19.72 -3.85 -7.03
C THR B 173 -20.49 -3.13 -8.11
N GLN B 174 -21.17 -3.94 -8.92
CA GLN B 174 -21.99 -3.47 -10.01
C GLN B 174 -23.32 -2.89 -9.51
N GLY B 175 -23.87 -1.98 -10.30
CA GLY B 175 -25.17 -1.36 -10.02
C GLY B 175 -26.20 -2.28 -9.41
N ALA C 3 18.32 -7.44 -1.66
CA ALA C 3 17.10 -7.02 -1.01
C ALA C 3 16.94 -7.67 0.38
N PRO C 4 16.37 -6.96 1.36
CA PRO C 4 16.18 -7.57 2.67
C PRO C 4 15.13 -8.63 2.65
N PRO C 5 15.19 -9.62 3.55
CA PRO C 5 14.18 -10.67 3.58
C PRO C 5 12.85 -10.20 4.16
N SER C 6 11.77 -10.81 3.65
CA SER C 6 10.44 -10.65 4.22
C SER C 6 10.22 -11.76 5.25
N ILE C 7 9.14 -11.62 6.02
CA ILE C 7 8.84 -12.70 6.95
C ILE C 7 8.57 -13.97 6.18
N TRP C 8 8.14 -13.86 4.93
CA TRP C 8 7.89 -15.02 4.08
C TRP C 8 9.18 -15.62 3.55
N SER C 9 10.28 -14.87 3.56
CA SER C 9 11.55 -15.35 2.99
C SER C 9 12.26 -16.27 3.95
N ARG C 10 11.79 -16.33 5.19
CA ARG C 10 12.37 -17.16 6.23
C ARG C 10 11.76 -18.54 6.27
N ILE C 11 10.73 -18.78 5.45
CA ILE C 11 10.06 -20.08 5.40
C ILE C 11 10.60 -20.77 4.15
N VAL C 12 11.25 -21.91 4.35
CA VAL C 12 11.94 -22.58 3.25
C VAL C 12 11.51 -24.03 3.19
N ASN C 13 11.59 -24.61 1.99
CA ASN C 13 11.32 -26.02 1.84
C ASN C 13 12.32 -26.81 2.68
N PHE C 14 11.85 -27.88 3.31
CA PHE C 14 12.75 -28.72 4.10
C PHE C 14 12.12 -30.10 4.20
N GLY C 15 12.77 -31.09 3.59
CA GLY C 15 12.27 -32.45 3.61
C GLY C 15 10.88 -32.57 3.03
N SER C 16 9.98 -33.12 3.85
CA SER C 16 8.59 -33.34 3.45
C SER C 16 7.74 -32.09 3.58
N GLY C 17 8.28 -31.03 4.15
CA GLY C 17 7.53 -29.82 4.38
C GLY C 17 8.37 -28.56 4.37
N TRP C 18 8.24 -27.76 5.42
CA TRP C 18 8.85 -26.44 5.50
C TRP C 18 9.55 -26.28 6.84
N GLY C 19 10.40 -25.25 6.92
CA GLY C 19 10.97 -24.82 8.18
C GLY C 19 11.09 -23.32 8.18
N PHE C 20 11.50 -22.77 9.33
CA PHE C 20 11.50 -21.32 9.50
C PHE C 20 12.76 -20.83 10.18
N TRP C 21 13.40 -19.83 9.56
CA TRP C 21 14.61 -19.21 10.12
C TRP C 21 14.24 -18.18 11.18
N VAL C 22 14.71 -18.41 12.40
CA VAL C 22 14.42 -17.51 13.51
C VAL C 22 15.50 -16.44 13.60
N SER C 23 16.74 -16.86 13.38
CA SER C 23 17.91 -15.99 13.39
C SER C 23 18.89 -16.50 12.36
N PRO C 24 20.01 -15.82 12.14
CA PRO C 24 21.04 -16.38 11.24
C PRO C 24 21.55 -17.75 11.65
N SER C 25 21.38 -18.17 12.90
CA SER C 25 21.88 -19.47 13.35
C SER C 25 20.80 -20.44 13.80
N LEU C 26 19.62 -19.97 14.17
CA LEU C 26 18.55 -20.81 14.71
C LEU C 26 17.47 -21.08 13.67
N PHE C 27 17.18 -22.37 13.44
CA PHE C 27 16.20 -22.84 12.46
C PHE C 27 15.26 -23.82 13.14
N ILE C 28 13.94 -23.62 12.98
CA ILE C 28 12.95 -24.50 13.61
C ILE C 28 12.05 -25.12 12.55
N THR C 29 11.64 -26.36 12.81
CA THR C 29 10.73 -27.11 11.93
C THR C 29 10.05 -28.21 12.75
N SER C 30 9.36 -29.12 12.05
CA SER C 30 8.72 -30.27 12.66
C SER C 30 9.61 -31.50 12.49
N THR C 31 9.62 -32.38 13.50
CA THR C 31 10.37 -33.63 13.39
C THR C 31 9.79 -34.56 12.33
N HIS C 32 8.53 -34.36 11.97
CA HIS C 32 7.87 -35.19 10.96
C HIS C 32 8.50 -35.00 9.59
N VAL C 33 9.02 -33.80 9.31
CA VAL C 33 9.50 -33.47 7.97
C VAL C 33 10.98 -33.70 7.77
N ILE C 34 11.74 -33.96 8.82
CA ILE C 34 13.18 -34.21 8.70
C ILE C 34 13.43 -35.38 7.75
N PRO C 35 14.20 -35.20 6.67
CA PRO C 35 14.30 -36.28 5.66
C PRO C 35 14.95 -37.58 6.12
N GLN C 36 16.11 -37.47 6.75
CA GLN C 36 16.91 -38.60 7.24
C GLN C 36 17.72 -39.14 6.08
N GLY C 37 18.87 -39.73 6.37
CA GLY C 37 19.76 -40.20 5.35
C GLY C 37 20.60 -39.09 4.77
N ALA C 38 20.46 -37.92 5.36
CA ALA C 38 21.16 -36.70 4.95
C ALA C 38 22.14 -36.36 6.07
N LYS C 39 23.40 -36.17 5.71
CA LYS C 39 24.42 -35.77 6.68
C LYS C 39 24.79 -34.29 6.54
N GLU C 40 24.22 -33.58 5.54
CA GLU C 40 24.43 -32.14 5.35
C GLU C 40 23.10 -31.40 5.42
N PHE C 41 23.06 -30.30 6.19
CA PHE C 41 21.90 -29.43 6.23
C PHE C 41 22.37 -28.05 5.79
N PHE C 42 21.75 -27.51 4.74
CA PHE C 42 22.20 -26.23 4.19
C PHE C 42 23.71 -26.19 4.02
N GLY C 43 24.32 -27.35 3.79
CA GLY C 43 25.76 -27.45 3.63
C GLY C 43 26.56 -27.63 4.90
N VAL C 44 25.91 -27.83 6.03
CA VAL C 44 26.58 -28.00 7.33
C VAL C 44 26.35 -29.43 7.80
N PRO C 45 27.40 -30.20 8.14
CA PRO C 45 27.18 -31.57 8.64
C PRO C 45 26.26 -31.64 9.85
N ILE C 46 25.41 -32.66 9.89
CA ILE C 46 24.58 -32.88 11.07
C ILE C 46 25.46 -33.05 12.30
N LYS C 47 26.66 -33.59 12.09
CA LYS C 47 27.61 -33.76 13.18
C LYS C 47 27.96 -32.42 13.83
N GLN C 48 27.82 -31.33 13.08
CA GLN C 48 28.15 -29.99 13.56
C GLN C 48 26.94 -29.26 14.11
N ILE C 49 25.76 -29.60 13.60
CA ILE C 49 24.51 -28.94 13.97
C ILE C 49 24.05 -29.44 15.33
N GLN C 50 23.70 -28.51 16.22
CA GLN C 50 23.22 -28.88 17.54
C GLN C 50 21.71 -29.08 17.41
N VAL C 51 21.22 -30.27 17.76
CA VAL C 51 19.84 -30.64 17.51
C VAL C 51 19.14 -30.97 18.82
N HIS C 52 18.00 -30.32 19.04
CA HIS C 52 17.20 -30.52 20.24
C HIS C 52 15.76 -30.71 19.80
N LYS C 53 15.04 -31.55 20.54
CA LYS C 53 13.65 -31.83 20.19
C LYS C 53 12.75 -31.81 21.42
N SER C 54 11.53 -31.33 21.22
CA SER C 54 10.46 -31.40 22.20
C SER C 54 9.25 -31.92 21.44
N GLY C 55 9.00 -33.21 21.52
CA GLY C 55 7.95 -33.80 20.72
C GLY C 55 8.26 -33.59 19.26
N GLU C 56 7.30 -32.99 18.54
CA GLU C 56 7.48 -32.74 17.12
C GLU C 56 8.12 -31.39 16.84
N PHE C 57 8.49 -30.63 17.87
CA PHE C 57 9.17 -29.36 17.69
C PHE C 57 10.67 -29.61 17.51
N CYS C 58 11.21 -29.35 16.33
CA CYS C 58 12.63 -29.57 16.03
C CYS C 58 13.38 -28.26 16.01
N ARG C 59 14.48 -28.19 16.77
CA ARG C 59 15.29 -26.97 16.88
C ARG C 59 16.73 -27.21 16.46
N LEU C 60 17.17 -26.52 15.41
CA LEU C 60 18.54 -26.64 14.90
C LEU C 60 19.33 -25.36 15.17
N ARG C 61 20.57 -25.49 15.61
CA ARG C 61 21.49 -24.35 15.76
C ARG C 61 22.73 -24.62 14.92
N PHE C 62 23.01 -23.70 14.01
CA PHE C 62 24.12 -23.82 13.08
C PHE C 62 25.37 -23.12 13.63
N PRO C 63 26.55 -23.72 13.46
CA PRO C 63 27.78 -23.12 14.02
C PRO C 63 28.12 -21.80 13.38
N LYS C 64 28.37 -21.80 12.08
CA LYS C 64 28.61 -20.54 11.39
C LYS C 64 27.26 -19.95 11.00
N PRO C 65 27.01 -18.66 11.29
CA PRO C 65 25.76 -18.07 10.84
C PRO C 65 25.59 -18.20 9.33
N ILE C 66 24.38 -18.59 8.93
CA ILE C 66 23.98 -18.70 7.54
C ILE C 66 22.63 -17.99 7.49
N ARG C 67 22.25 -17.48 6.33
CA ARG C 67 21.08 -16.60 6.28
C ARG C 67 21.31 -15.42 7.24
N THR C 68 22.46 -14.75 7.06
CA THR C 68 22.83 -13.64 7.93
C THR C 68 22.06 -12.37 7.62
N ASP C 69 21.23 -12.39 6.58
CA ASP C 69 20.37 -11.28 6.20
C ASP C 69 19.15 -11.13 7.10
N VAL C 70 18.89 -12.10 8.00
CA VAL C 70 17.68 -12.07 8.82
C VAL C 70 18.00 -11.61 10.24
N THR C 71 17.05 -10.90 10.83
CA THR C 71 17.14 -10.41 12.20
C THR C 71 16.59 -11.46 13.15
N GLY C 72 17.31 -11.68 14.26
CA GLY C 72 16.85 -12.64 15.25
C GLY C 72 15.46 -12.28 15.75
N MET C 73 14.57 -13.27 15.76
CA MET C 73 13.18 -13.11 16.16
C MET C 73 12.88 -13.86 17.47
N ILE C 74 11.96 -13.30 18.25
CA ILE C 74 11.56 -13.91 19.54
C ILE C 74 10.89 -15.26 19.33
N LEU C 75 11.37 -16.26 20.08
CA LEU C 75 10.80 -17.62 20.07
C LEU C 75 10.30 -17.97 21.46
N GLU C 76 9.00 -18.28 21.57
CA GLU C 76 8.36 -18.59 22.84
C GLU C 76 7.58 -19.91 22.78
N GLU C 77 7.21 -20.40 23.97
CA GLU C 77 6.41 -21.63 24.11
C GLU C 77 4.92 -21.31 24.04
N GLY C 78 4.37 -21.40 22.84
CA GLY C 78 2.95 -21.19 22.67
C GLY C 78 2.53 -19.75 22.96
N ALA C 79 1.25 -19.60 23.20
CA ALA C 79 0.65 -18.30 23.49
C ALA C 79 -0.45 -18.47 24.51
N PRO C 80 -0.78 -17.41 25.25
CA PRO C 80 -1.91 -17.48 26.19
C PRO C 80 -3.17 -17.89 25.46
N GLU C 81 -4.01 -18.73 26.08
CA GLU C 81 -5.20 -19.15 25.34
C GLU C 81 -6.04 -17.92 25.03
N GLY C 82 -6.66 -17.92 23.85
CA GLY C 82 -7.48 -16.83 23.37
C GLY C 82 -6.73 -15.88 22.47
N THR C 83 -5.41 -15.90 22.51
CA THR C 83 -4.60 -15.03 21.67
C THR C 83 -4.84 -15.38 20.20
N VAL C 84 -5.05 -14.37 19.38
CA VAL C 84 -5.17 -14.60 17.95
C VAL C 84 -3.80 -14.37 17.34
N VAL C 85 -3.35 -15.35 16.57
CA VAL C 85 -2.04 -15.35 15.94
C VAL C 85 -2.27 -15.60 14.45
N THR C 86 -1.19 -15.54 13.68
CA THR C 86 -1.27 -15.76 12.25
C THR C 86 -0.49 -17.02 11.91
N LEU C 87 -1.13 -17.92 11.17
CA LEU C 87 -0.49 -19.14 10.66
C LEU C 87 -0.03 -18.83 9.24
N LEU C 88 1.28 -18.83 9.02
CA LEU C 88 1.84 -18.41 7.73
C LEU C 88 2.17 -19.65 6.92
N ILE C 89 1.30 -19.97 5.97
CA ILE C 89 1.47 -21.16 5.15
C ILE C 89 2.00 -20.76 3.78
N LYS C 90 3.06 -21.43 3.36
CA LYS C 90 3.66 -21.23 2.05
C LYS C 90 3.44 -22.50 1.26
N ARG C 91 3.17 -22.35 -0.03
CA ARG C 91 3.10 -23.47 -0.95
C ARG C 91 4.17 -23.31 -2.03
N SER C 92 4.64 -24.45 -2.54
CA SER C 92 5.66 -24.41 -3.59
C SER C 92 5.13 -23.75 -4.86
N THR C 93 3.80 -23.66 -5.00
CA THR C 93 3.17 -23.04 -6.16
C THR C 93 3.39 -21.54 -6.21
N GLY C 94 3.88 -20.94 -5.12
CA GLY C 94 4.05 -19.50 -5.02
C GLY C 94 2.94 -18.84 -4.23
N GLU C 95 1.97 -19.62 -3.77
CA GLU C 95 0.86 -19.12 -2.98
C GLU C 95 1.30 -18.88 -1.53
N LEU C 96 1.04 -17.67 -1.06
CA LEU C 96 1.34 -17.27 0.31
C LEU C 96 0.00 -16.98 0.96
N MET C 97 -0.24 -17.51 2.15
CA MET C 97 -1.52 -17.12 2.71
C MET C 97 -1.50 -17.13 4.23
N PRO C 98 -1.80 -15.99 4.85
CA PRO C 98 -1.92 -15.94 6.30
C PRO C 98 -3.31 -16.41 6.69
N LEU C 99 -3.39 -17.27 7.69
CA LEU C 99 -4.66 -17.71 8.23
C LEU C 99 -4.70 -17.31 9.69
N ALA C 100 -5.85 -16.84 10.15
CA ALA C 100 -5.98 -16.46 11.53
C ALA C 100 -6.20 -17.71 12.36
N ALA C 101 -5.63 -17.72 13.56
CA ALA C 101 -5.85 -18.82 14.48
C ALA C 101 -6.03 -18.29 15.90
N ARG C 102 -7.04 -18.81 16.59
CA ARG C 102 -7.26 -18.50 18.00
C ARG C 102 -6.69 -19.67 18.78
N MET C 103 -5.70 -19.42 19.62
CA MET C 103 -5.03 -20.52 20.30
C MET C 103 -5.81 -20.94 21.53
N GLY C 104 -5.92 -22.25 21.73
CA GLY C 104 -6.58 -22.84 22.88
C GLY C 104 -5.60 -23.46 23.85
N THR C 105 -6.06 -24.49 24.56
CA THR C 105 -5.23 -25.17 25.54
C THR C 105 -4.37 -26.23 24.84
N HIS C 106 -3.43 -26.82 25.59
CA HIS C 106 -2.56 -27.84 25.03
C HIS C 106 -3.33 -29.15 24.85
N ALA C 107 -2.93 -29.93 23.83
CA ALA C 107 -3.69 -31.12 23.47
C ALA C 107 -2.84 -32.12 22.68
N THR C 108 -3.44 -33.28 22.42
CA THR C 108 -2.87 -34.37 21.62
C THR C 108 -3.86 -34.82 20.55
N MET C 109 -3.43 -34.85 19.29
CA MET C 109 -4.33 -35.20 18.18
C MET C 109 -3.79 -36.32 17.32
N LYS C 110 -4.71 -37.19 16.87
CA LYS C 110 -4.40 -38.28 15.95
C LYS C 110 -5.03 -38.03 14.58
N ILE C 111 -4.24 -38.24 13.54
CA ILE C 111 -4.67 -38.13 12.14
C ILE C 111 -4.57 -39.54 11.54
N GLN C 112 -4.87 -39.68 10.24
CA GLN C 112 -4.79 -41.00 9.63
C GLN C 112 -3.47 -41.68 9.98
N GLY C 113 -2.40 -40.89 10.07
CA GLY C 113 -1.07 -41.36 10.43
C GLY C 113 -0.72 -41.22 11.91
N ARG C 114 0.38 -40.53 12.15
CA ARG C 114 0.96 -40.33 13.48
C ARG C 114 0.03 -39.59 14.42
N THR C 115 0.35 -39.67 15.71
CA THR C 115 -0.29 -38.90 16.77
C THR C 115 0.71 -37.88 17.30
N VAL C 116 0.28 -36.61 17.41
CA VAL C 116 1.17 -35.50 17.77
C VAL C 116 0.60 -34.73 18.95
N GLY C 117 1.48 -33.97 19.62
CA GLY C 117 1.11 -33.06 20.67
C GLY C 117 1.51 -31.63 20.34
N GLY C 118 1.14 -30.72 21.23
CA GLY C 118 1.44 -29.31 21.09
C GLY C 118 0.28 -28.49 21.60
N GLN C 119 0.22 -27.21 21.19
CA GLN C 119 -0.85 -26.32 21.60
C GLN C 119 -1.97 -26.35 20.57
N MET C 120 -3.21 -26.50 21.03
CA MET C 120 -4.36 -26.55 20.13
C MET C 120 -4.74 -25.15 19.65
N GLY C 121 -5.08 -25.06 18.38
CA GLY C 121 -5.59 -23.82 17.82
C GLY C 121 -6.77 -24.09 16.92
N MET C 122 -7.59 -23.05 16.77
CA MET C 122 -8.78 -23.09 15.92
C MET C 122 -8.60 -22.06 14.80
N LEU C 123 -8.73 -22.50 13.55
CA LEU C 123 -8.65 -21.54 12.46
C LEU C 123 -10.02 -20.89 12.26
N LEU C 124 -10.01 -19.58 12.08
CA LEU C 124 -11.27 -18.84 12.01
C LEU C 124 -11.88 -18.88 10.62
N THR C 125 -11.08 -19.17 9.60
CA THR C 125 -11.54 -19.23 8.22
C THR C 125 -11.17 -20.56 7.58
N GLY C 126 -10.87 -21.57 8.39
CA GLY C 126 -10.40 -22.85 7.90
C GLY C 126 -11.29 -23.48 6.85
N SER C 127 -12.57 -23.68 7.20
CA SER C 127 -13.52 -24.26 6.26
C SER C 127 -13.60 -23.45 4.98
N ASN C 128 -13.45 -22.12 5.07
CA ASN C 128 -13.63 -21.29 3.89
C ASN C 128 -12.43 -21.44 2.96
N ALA C 129 -11.21 -21.47 3.51
CA ALA C 129 -10.04 -21.72 2.69
C ALA C 129 -10.10 -23.12 2.10
N LYS C 130 -10.55 -24.08 2.91
CA LYS C 130 -10.60 -25.48 2.48
C LYS C 130 -11.59 -25.63 1.33
N SER C 131 -12.69 -24.89 1.37
CA SER C 131 -13.68 -24.95 0.29
C SER C 131 -13.13 -24.46 -1.05
N MET C 132 -12.05 -23.69 -1.05
CA MET C 132 -11.44 -23.19 -2.28
C MET C 132 -10.06 -23.79 -2.54
N ASP C 133 -9.74 -24.92 -1.90
CA ASP C 133 -8.46 -25.60 -2.10
C ASP C 133 -7.30 -24.73 -1.66
N LEU C 134 -7.55 -23.84 -0.70
CA LEU C 134 -6.54 -22.98 -0.10
C LEU C 134 -6.33 -23.31 1.37
N GLY C 135 -6.80 -24.48 1.79
CA GLY C 135 -6.78 -24.86 3.19
C GLY C 135 -5.50 -25.56 3.60
N THR C 136 -5.53 -26.07 4.83
CA THR C 136 -4.38 -26.77 5.35
C THR C 136 -4.28 -28.15 4.71
N THR C 137 -3.04 -28.55 4.44
CA THR C 137 -2.72 -29.86 3.92
C THR C 137 -1.58 -30.45 4.72
N PRO C 138 -1.36 -31.76 4.65
CA PRO C 138 -0.19 -32.35 5.33
C PRO C 138 1.14 -31.79 4.87
N GLY C 139 1.22 -31.27 3.65
CA GLY C 139 2.46 -30.71 3.15
C GLY C 139 2.78 -29.35 3.68
N ASP C 140 1.93 -28.82 4.55
CA ASP C 140 2.13 -27.51 5.13
C ASP C 140 2.86 -27.57 6.47
N CYS C 141 3.13 -28.77 6.98
CA CYS C 141 3.76 -28.90 8.29
C CYS C 141 5.13 -28.23 8.28
N GLY C 142 5.46 -27.58 9.39
CA GLY C 142 6.68 -26.83 9.52
C GLY C 142 6.49 -25.32 9.44
N CYS C 143 5.36 -24.87 8.90
CA CYS C 143 5.09 -23.44 8.81
C CYS C 143 4.90 -22.79 10.19
N PRO C 144 5.39 -21.58 10.38
CA PRO C 144 5.33 -20.92 11.69
C PRO C 144 3.96 -20.35 12.06
N TYR C 145 3.76 -20.23 13.38
CA TYR C 145 2.65 -19.48 13.98
C TYR C 145 3.21 -18.22 14.60
N ILE C 146 2.87 -17.07 14.02
CA ILE C 146 3.47 -15.80 14.42
C ILE C 146 2.40 -14.78 14.75
N TYR C 147 2.67 -13.98 15.78
CA TYR C 147 1.82 -12.84 16.12
C TYR C 147 2.75 -11.70 16.48
N LYS C 148 2.24 -10.48 16.45
CA LYS C 148 3.08 -9.34 16.77
C LYS C 148 2.67 -8.76 18.11
N ARG C 149 3.66 -8.38 18.90
CA ARG C 149 3.47 -7.83 20.23
C ARG C 149 4.31 -6.56 20.30
N GLY C 150 3.64 -5.42 20.48
CA GLY C 150 4.36 -4.17 20.38
C GLY C 150 4.91 -4.07 18.97
N ASN C 151 6.19 -3.75 18.85
CA ASN C 151 6.85 -3.68 17.56
C ASN C 151 7.61 -4.96 17.26
N ASP C 152 7.49 -5.96 18.12
CA ASP C 152 8.26 -7.19 18.00
C ASP C 152 7.43 -8.32 17.42
N TYR C 153 8.06 -9.13 16.57
CA TYR C 153 7.45 -10.34 16.03
C TYR C 153 7.77 -11.47 16.99
N VAL C 154 6.75 -12.28 17.28
CA VAL C 154 6.89 -13.41 18.20
C VAL C 154 6.51 -14.69 17.48
N VAL C 155 7.37 -15.70 17.58
CA VAL C 155 7.09 -17.02 17.01
C VAL C 155 6.74 -17.90 18.20
N ILE C 156 5.62 -18.62 18.10
CA ILE C 156 5.18 -19.45 19.22
C ILE C 156 5.30 -20.93 18.92
N GLY C 157 5.63 -21.32 17.70
CA GLY C 157 5.73 -22.73 17.39
C GLY C 157 5.56 -23.00 15.91
N VAL C 158 5.41 -24.29 15.62
CA VAL C 158 5.38 -24.81 14.26
C VAL C 158 4.16 -25.66 13.99
N HIS C 159 3.54 -25.45 12.84
CA HIS C 159 2.42 -26.27 12.41
C HIS C 159 2.86 -27.72 12.27
N THR C 160 2.15 -28.62 12.96
CA THR C 160 2.49 -30.03 12.90
C THR C 160 1.35 -30.94 12.45
N ALA C 161 0.09 -30.59 12.70
CA ALA C 161 -1.02 -31.43 12.26
C ALA C 161 -2.27 -30.59 12.07
N ALA C 162 -3.18 -31.08 11.22
CA ALA C 162 -4.47 -30.44 11.01
C ALA C 162 -5.57 -31.48 10.79
N ALA C 163 -6.75 -31.15 11.28
CA ALA C 163 -7.95 -31.97 11.15
C ALA C 163 -8.45 -32.06 9.70
N ARG C 164 -9.19 -33.14 9.45
CA ARG C 164 -9.75 -33.36 8.12
C ARG C 164 -10.59 -32.17 7.66
N GLY C 165 -11.34 -31.55 8.59
CA GLY C 165 -12.21 -30.45 8.23
C GLY C 165 -11.51 -29.13 7.98
N GLY C 166 -10.23 -29.04 8.31
CA GLY C 166 -9.45 -27.84 8.08
C GLY C 166 -9.51 -26.74 9.12
N ASN C 167 -10.16 -26.93 10.26
CA ASN C 167 -10.24 -25.86 11.27
C ASN C 167 -9.40 -26.11 12.51
N THR C 168 -9.26 -27.33 12.98
CA THR C 168 -8.48 -27.64 14.17
C THR C 168 -7.03 -27.90 13.78
N VAL C 169 -6.10 -27.22 14.44
CA VAL C 169 -4.69 -27.36 14.15
C VAL C 169 -3.90 -27.53 15.44
N ILE C 170 -2.72 -28.15 15.32
CA ILE C 170 -1.79 -28.30 16.42
C ILE C 170 -0.51 -27.51 16.13
N CYS C 171 -0.10 -26.70 17.12
CA CYS C 171 1.13 -25.91 17.08
C CYS C 171 2.18 -26.55 18.00
N ALA C 172 3.25 -27.07 17.41
CA ALA C 172 4.35 -27.65 18.19
C ALA C 172 5.15 -26.56 18.89
N THR C 173 5.37 -26.72 20.20
CA THR C 173 6.08 -25.72 21.00
C THR C 173 7.28 -26.31 21.72
N GLN C 174 8.21 -25.44 22.09
CA GLN C 174 9.43 -25.79 22.80
C GLN C 174 9.16 -26.05 24.28
N GLY C 175 10.07 -26.81 24.91
CA GLY C 175 9.99 -27.13 26.32
C GLY C 175 10.69 -26.11 27.21
N SER C 176 10.56 -26.30 28.53
CA SER C 176 11.23 -25.42 29.47
C SER C 176 11.39 -26.08 30.83
N GLU C 177 12.25 -25.48 31.65
CA GLU C 177 12.51 -25.87 33.01
C GLU C 177 13.25 -24.74 33.72
N GLY C 178 13.07 -24.66 35.04
CA GLY C 178 13.76 -23.67 35.85
C GLY C 178 13.64 -24.01 37.31
N GLU C 179 14.72 -23.96 38.10
CA GLU C 179 14.61 -24.34 39.49
C GLU C 179 15.63 -23.58 40.33
N ALA C 180 15.31 -23.37 41.61
CA ALA C 180 16.20 -22.73 42.57
C ALA C 180 16.24 -23.51 43.87
N THR C 181 17.44 -23.76 44.41
CA THR C 181 17.61 -24.55 45.62
C THR C 181 18.20 -23.72 46.76
N LEU C 182 17.87 -24.13 47.99
CA LEU C 182 18.35 -23.50 49.22
C LEU C 182 19.60 -24.17 49.76
N GLY D 1 -6.06 4.60 23.29
CA GLY D 1 -7.26 4.24 22.56
C GLY D 1 -7.02 4.13 21.07
N SER D 2 -8.00 4.59 20.29
CA SER D 2 -7.86 4.52 18.85
C SER D 2 -6.83 5.52 18.36
N ALA D 3 -6.32 5.28 17.15
CA ALA D 3 -5.37 6.20 16.54
C ALA D 3 -6.04 7.54 16.28
N PRO D 4 -5.29 8.65 16.38
CA PRO D 4 -5.87 9.94 16.01
C PRO D 4 -6.14 9.98 14.52
N PRO D 5 -7.17 10.71 14.09
CA PRO D 5 -7.49 10.73 12.67
C PRO D 5 -6.38 11.40 11.88
N SER D 6 -6.25 10.96 10.62
CA SER D 6 -5.29 11.58 9.72
C SER D 6 -5.68 13.02 9.46
N ILE D 7 -4.68 13.89 9.33
CA ILE D 7 -4.96 15.29 9.02
C ILE D 7 -5.76 15.39 7.73
N TRP D 8 -5.61 14.40 6.84
CA TRP D 8 -6.30 14.41 5.55
C TRP D 8 -7.80 14.19 5.70
N SER D 9 -8.24 13.56 6.80
CA SER D 9 -9.66 13.27 6.96
C SER D 9 -10.42 14.52 7.35
N ARG D 10 -9.72 15.60 7.66
CA ARG D 10 -10.29 16.88 8.03
C ARG D 10 -10.61 17.74 6.83
N ILE D 11 -10.22 17.30 5.62
CA ILE D 11 -10.48 18.01 4.37
C ILE D 11 -11.68 17.35 3.73
N VAL D 12 -12.78 18.08 3.59
CA VAL D 12 -14.03 17.47 3.13
C VAL D 12 -14.60 18.25 1.96
N ASN D 13 -15.34 17.55 1.11
CA ASN D 13 -16.05 18.23 0.04
C ASN D 13 -17.06 19.19 0.65
N PHE D 14 -17.11 20.41 0.13
CA PHE D 14 -18.06 21.39 0.60
C PHE D 14 -18.48 22.20 -0.63
N GLY D 15 -19.74 22.05 -1.03
CA GLY D 15 -20.17 22.67 -2.26
C GLY D 15 -19.36 22.17 -3.45
N SER D 16 -18.80 23.11 -4.22
CA SER D 16 -18.03 22.80 -5.42
C SER D 16 -16.55 22.55 -5.14
N GLY D 17 -16.12 22.67 -3.89
CA GLY D 17 -14.73 22.51 -3.55
C GLY D 17 -14.56 21.80 -2.22
N TRP D 18 -13.72 22.36 -1.36
CA TRP D 18 -13.36 21.72 -0.11
C TRP D 18 -13.43 22.72 1.03
N GLY D 19 -13.37 22.18 2.25
CA GLY D 19 -13.18 22.96 3.46
C GLY D 19 -12.41 22.10 4.45
N PHE D 20 -11.99 22.71 5.56
CA PHE D 20 -11.11 22.03 6.51
C PHE D 20 -11.58 22.23 7.95
N TRP D 21 -11.62 21.14 8.71
CA TRP D 21 -11.98 21.20 10.13
C TRP D 21 -10.78 21.63 10.97
N VAL D 22 -10.90 22.81 11.58
CA VAL D 22 -9.82 23.36 12.40
C VAL D 22 -9.99 22.90 13.83
N SER D 23 -11.24 22.76 14.26
CA SER D 23 -11.59 22.28 15.59
C SER D 23 -12.89 21.53 15.44
N PRO D 24 -13.32 20.82 16.47
CA PRO D 24 -14.61 20.14 16.37
C PRO D 24 -15.74 21.04 15.91
N SER D 25 -15.67 22.33 16.20
CA SER D 25 -16.75 23.23 15.84
C SER D 25 -16.22 24.46 15.14
N LEU D 26 -15.20 24.29 14.32
CA LEU D 26 -14.67 25.38 13.52
C LEU D 26 -14.26 24.83 12.16
N PHE D 27 -14.94 25.32 11.12
CA PHE D 27 -14.76 24.86 9.74
C PHE D 27 -14.38 26.07 8.90
N ILE D 28 -13.33 25.95 8.09
CA ILE D 28 -12.90 27.03 7.21
C ILE D 28 -12.96 26.55 5.76
N THR D 29 -13.36 27.46 4.87
CA THR D 29 -13.44 27.14 3.46
C THR D 29 -13.28 28.44 2.66
N SER D 30 -13.53 28.36 1.36
CA SER D 30 -13.54 29.54 0.51
C SER D 30 -14.99 29.90 0.21
N THR D 31 -15.27 31.21 0.18
CA THR D 31 -16.63 31.63 -0.12
C THR D 31 -17.02 31.25 -1.54
N HIS D 32 -16.02 31.10 -2.41
CA HIS D 32 -16.26 30.76 -3.81
C HIS D 32 -16.99 29.44 -3.98
N VAL D 33 -16.88 28.52 -3.02
CA VAL D 33 -17.42 27.18 -3.17
C VAL D 33 -18.65 26.93 -2.31
N ILE D 34 -19.11 27.93 -1.55
CA ILE D 34 -20.24 27.70 -0.64
C ILE D 34 -21.49 27.35 -1.45
N PRO D 35 -22.31 26.39 -1.02
CA PRO D 35 -23.47 25.99 -1.85
C PRO D 35 -24.45 27.13 -2.11
N GLN D 36 -24.73 27.95 -1.10
CA GLN D 36 -25.63 29.10 -1.20
C GLN D 36 -26.99 28.71 -1.77
N GLY D 37 -27.46 27.52 -1.38
CA GLY D 37 -28.76 27.06 -1.81
C GLY D 37 -29.62 26.71 -0.61
N ALA D 38 -29.25 25.60 0.02
CA ALA D 38 -29.97 25.05 1.15
C ALA D 38 -29.65 25.79 2.44
N LYS D 39 -30.46 25.52 3.46
CA LYS D 39 -30.40 26.18 4.75
C LYS D 39 -29.73 25.33 5.82
N GLU D 40 -29.17 24.17 5.46
CA GLU D 40 -28.47 23.31 6.41
C GLU D 40 -27.03 23.03 5.96
N PHE D 41 -26.09 23.18 6.89
CA PHE D 41 -24.69 22.80 6.68
C PHE D 41 -24.39 21.74 7.72
N PHE D 42 -23.92 20.58 7.28
CA PHE D 42 -23.75 19.45 8.20
C PHE D 42 -25.14 19.28 8.84
N GLY D 43 -25.28 19.29 10.16
CA GLY D 43 -26.58 19.12 10.78
C GLY D 43 -27.16 20.35 11.42
N VAL D 44 -26.61 21.53 11.18
CA VAL D 44 -27.06 22.78 11.81
C VAL D 44 -27.69 23.72 10.79
N PRO D 45 -28.80 24.39 11.11
CA PRO D 45 -29.37 25.39 10.19
C PRO D 45 -28.53 26.66 10.16
N ILE D 46 -28.39 27.23 8.96
CA ILE D 46 -27.58 28.42 8.74
C ILE D 46 -27.73 29.42 9.87
N LYS D 47 -28.97 29.65 10.31
CA LYS D 47 -29.22 30.67 11.32
C LYS D 47 -28.52 30.37 12.64
N GLN D 48 -28.17 29.13 12.92
CA GLN D 48 -27.49 28.76 14.14
C GLN D 48 -25.97 28.75 14.00
N ILE D 49 -25.44 29.02 12.81
CA ILE D 49 -24.00 28.99 12.57
C ILE D 49 -23.47 30.40 12.62
N GLN D 50 -22.43 30.61 13.42
CA GLN D 50 -21.78 31.91 13.53
C GLN D 50 -20.84 32.04 12.34
N VAL D 51 -21.03 33.04 11.49
CA VAL D 51 -20.30 33.15 10.24
C VAL D 51 -19.50 34.45 10.21
N HIS D 52 -18.23 34.33 9.86
CA HIS D 52 -17.33 35.45 9.66
C HIS D 52 -16.65 35.29 8.31
N LYS D 53 -16.64 36.36 7.51
CA LYS D 53 -16.05 36.31 6.18
C LYS D 53 -15.04 37.43 6.01
N SER D 54 -14.06 37.18 5.14
CA SER D 54 -13.08 38.19 4.74
C SER D 54 -12.64 37.85 3.32
N GLY D 55 -13.16 38.60 2.35
CA GLY D 55 -12.84 38.32 0.95
C GLY D 55 -13.26 36.90 0.59
N GLU D 56 -12.31 36.11 0.13
CA GLU D 56 -12.58 34.74 -0.28
C GLU D 56 -12.49 33.75 0.88
N PHE D 57 -12.18 34.22 2.09
CA PHE D 57 -12.06 33.38 3.27
C PHE D 57 -13.40 33.26 4.00
N CYS D 58 -13.77 32.04 4.37
CA CYS D 58 -15.01 31.80 5.10
C CYS D 58 -14.74 31.00 6.36
N ARG D 59 -15.22 31.50 7.49
CA ARG D 59 -15.05 30.87 8.81
C ARG D 59 -16.41 30.56 9.43
N LEU D 60 -16.71 29.28 9.62
CA LEU D 60 -17.97 28.84 10.20
C LEU D 60 -17.70 28.26 11.59
N ARG D 61 -18.38 28.78 12.61
CA ARG D 61 -18.29 28.22 13.96
C ARG D 61 -19.63 27.60 14.30
N PHE D 62 -19.59 26.37 14.77
CA PHE D 62 -20.81 25.63 15.06
C PHE D 62 -21.14 25.61 16.54
N PRO D 63 -22.43 25.65 16.89
CA PRO D 63 -22.81 25.60 18.32
C PRO D 63 -22.49 24.28 18.98
N LYS D 64 -22.32 23.20 18.21
CA LYS D 64 -22.10 21.87 18.76
C LYS D 64 -20.73 21.35 18.39
N PRO D 65 -20.11 20.55 19.25
CA PRO D 65 -18.79 19.95 18.95
C PRO D 65 -18.89 18.78 17.99
N ILE D 66 -19.22 19.07 16.73
CA ILE D 66 -19.31 18.03 15.70
C ILE D 66 -17.88 17.64 15.28
N ARG D 67 -17.71 16.54 14.55
CA ARG D 67 -16.36 16.00 14.31
C ARG D 67 -15.59 15.89 15.63
N THR D 68 -16.12 15.06 16.53
CA THR D 68 -15.56 14.95 17.87
C THR D 68 -14.18 14.30 17.89
N ASP D 69 -13.79 13.63 16.80
CA ASP D 69 -12.48 13.00 16.69
C ASP D 69 -11.35 14.00 16.48
N VAL D 70 -11.68 15.23 16.09
CA VAL D 70 -10.68 16.22 15.67
C VAL D 70 -10.03 16.93 16.86
N THR D 71 -8.71 16.95 16.87
CA THR D 71 -7.93 17.69 17.84
C THR D 71 -7.84 19.14 17.38
N GLY D 72 -8.13 20.08 18.29
CA GLY D 72 -8.13 21.47 17.90
C GLY D 72 -6.77 21.92 17.40
N MET D 73 -6.78 22.76 16.38
CA MET D 73 -5.57 23.27 15.73
C MET D 73 -5.56 24.79 15.69
N ILE D 74 -4.36 25.36 15.77
CA ILE D 74 -4.16 26.81 15.74
C ILE D 74 -4.53 27.37 14.37
N LEU D 75 -5.36 28.41 14.36
CA LEU D 75 -5.69 29.16 13.14
C LEU D 75 -5.12 30.57 13.23
N GLU D 76 -4.26 30.92 12.27
CA GLU D 76 -3.64 32.23 12.22
C GLU D 76 -3.86 32.85 10.84
N GLU D 77 -3.77 34.17 10.78
CA GLU D 77 -3.94 34.90 9.53
C GLU D 77 -2.59 35.03 8.83
N GLY D 78 -2.35 34.15 7.86
CA GLY D 78 -1.11 34.14 7.13
C GLY D 78 0.06 33.64 7.96
N ALA D 79 1.22 33.69 7.33
CA ALA D 79 2.47 33.27 7.93
C ALA D 79 3.52 34.33 7.66
N PRO D 80 4.56 34.39 8.47
CA PRO D 80 5.67 35.31 8.19
C PRO D 80 6.24 35.08 6.82
N GLU D 81 6.61 36.17 6.14
CA GLU D 81 7.19 36.05 4.81
C GLU D 81 8.43 35.16 4.87
N GLY D 82 8.52 34.22 3.92
CA GLY D 82 9.62 33.28 3.83
C GLY D 82 9.33 31.91 4.41
N THR D 83 8.26 31.78 5.20
CA THR D 83 7.90 30.48 5.77
C THR D 83 7.53 29.49 4.67
N VAL D 84 8.05 28.28 4.80
CA VAL D 84 7.67 27.20 3.91
C VAL D 84 6.50 26.48 4.56
N VAL D 85 5.42 26.33 3.80
CA VAL D 85 4.19 25.73 4.27
C VAL D 85 3.82 24.61 3.32
N THR D 86 2.86 23.80 3.74
CA THR D 86 2.40 22.69 2.93
C THR D 86 0.95 22.96 2.50
N LEU D 87 0.70 22.75 1.23
CA LEU D 87 -0.65 22.88 0.69
C LEU D 87 -1.22 21.47 0.55
N LEU D 88 -2.23 21.14 1.35
CA LEU D 88 -2.78 19.79 1.37
C LEU D 88 -3.92 19.70 0.38
N ILE D 89 -3.63 19.19 -0.80
CA ILE D 89 -4.60 19.10 -1.88
C ILE D 89 -5.22 17.72 -1.87
N LYS D 90 -6.53 17.69 -1.76
CA LYS D 90 -7.29 16.45 -1.88
C LYS D 90 -8.12 16.58 -3.16
N ARG D 91 -8.17 15.51 -3.94
CA ARG D 91 -9.00 15.49 -5.13
C ARG D 91 -9.99 14.35 -5.07
N SER D 92 -11.12 14.56 -5.77
CA SER D 92 -12.19 13.58 -5.80
C SER D 92 -11.75 12.30 -6.49
N THR D 93 -10.57 12.31 -7.11
CA THR D 93 -9.99 11.15 -7.76
C THR D 93 -9.42 10.17 -6.74
N GLY D 94 -9.32 10.58 -5.47
CA GLY D 94 -8.72 9.81 -4.41
C GLY D 94 -7.28 10.15 -4.16
N GLU D 95 -6.71 11.03 -4.99
CA GLU D 95 -5.32 11.44 -4.88
C GLU D 95 -5.14 12.46 -3.76
N LEU D 96 -4.14 12.24 -2.92
CA LEU D 96 -3.77 13.16 -1.84
C LEU D 96 -2.41 13.72 -2.18
N MET D 97 -2.29 15.03 -2.35
CA MET D 97 -0.99 15.57 -2.77
C MET D 97 -0.57 16.79 -1.96
N PRO D 98 0.44 16.67 -1.11
CA PRO D 98 0.96 17.83 -0.39
C PRO D 98 2.01 18.56 -1.21
N LEU D 99 1.85 19.85 -1.43
CA LEU D 99 2.83 20.64 -2.16
C LEU D 99 3.46 21.65 -1.23
N ALA D 100 4.77 21.77 -1.32
CA ALA D 100 5.45 22.79 -0.56
C ALA D 100 5.21 24.14 -1.23
N ALA D 101 5.16 25.18 -0.42
CA ALA D 101 5.11 26.54 -0.94
C ALA D 101 5.87 27.47 -0.02
N ARG D 102 6.57 28.43 -0.62
CA ARG D 102 7.24 29.48 0.14
C ARG D 102 6.31 30.69 0.08
N MET D 103 5.96 31.24 1.24
CA MET D 103 5.00 32.34 1.28
C MET D 103 5.65 33.71 1.15
N GLY D 104 4.96 34.58 0.42
CA GLY D 104 5.39 35.95 0.20
C GLY D 104 4.55 36.95 0.97
N THR D 105 4.32 38.10 0.35
CA THR D 105 3.58 39.19 0.96
C THR D 105 2.11 39.12 0.57
N HIS D 106 1.31 39.96 1.24
CA HIS D 106 -0.09 40.06 0.89
C HIS D 106 -0.19 40.47 -0.58
N ALA D 107 -1.15 39.90 -1.29
CA ALA D 107 -1.25 40.16 -2.72
C ALA D 107 -2.70 40.09 -3.20
N THR D 108 -2.90 40.53 -4.44
CA THR D 108 -4.18 40.48 -5.13
C THR D 108 -3.98 40.09 -6.60
N MET D 109 -4.99 39.44 -7.17
CA MET D 109 -4.97 39.08 -8.58
C MET D 109 -6.42 38.98 -9.07
N LYS D 110 -6.57 38.87 -10.39
CA LYS D 110 -7.87 38.64 -11.00
C LYS D 110 -7.91 37.22 -11.58
N ILE D 111 -9.06 36.56 -11.42
CA ILE D 111 -9.26 35.21 -11.93
C ILE D 111 -10.73 35.02 -12.25
N GLN D 112 -11.01 34.42 -13.40
CA GLN D 112 -12.37 34.04 -13.78
C GLN D 112 -13.37 35.17 -13.57
N GLY D 113 -12.97 36.40 -13.92
CA GLY D 113 -13.87 37.54 -13.83
C GLY D 113 -14.02 38.17 -12.46
N ARG D 114 -13.32 37.68 -11.44
CA ARG D 114 -13.47 38.22 -10.09
C ARG D 114 -12.09 38.55 -9.53
N THR D 115 -12.09 39.40 -8.52
CA THR D 115 -10.87 39.78 -7.83
C THR D 115 -10.73 38.93 -6.57
N VAL D 116 -9.52 38.40 -6.37
CA VAL D 116 -9.21 37.59 -5.21
C VAL D 116 -8.01 38.20 -4.50
N GLY D 117 -7.77 37.78 -3.27
CA GLY D 117 -6.63 38.32 -2.53
C GLY D 117 -6.36 37.58 -1.24
N GLY D 118 -5.14 37.76 -0.76
CA GLY D 118 -4.60 37.09 0.40
C GLY D 118 -3.10 36.97 0.22
N GLN D 119 -2.49 36.04 0.95
CA GLN D 119 -1.03 35.92 0.91
C GLN D 119 -0.61 35.08 -0.29
N MET D 120 0.39 35.54 -1.02
CA MET D 120 0.84 34.74 -2.16
C MET D 120 1.85 33.69 -1.71
N GLY D 121 2.02 32.67 -2.54
CA GLY D 121 3.08 31.72 -2.33
C GLY D 121 3.56 31.16 -3.66
N MET D 122 4.80 30.71 -3.65
CA MET D 122 5.39 30.10 -4.82
C MET D 122 5.60 28.62 -4.51
N LEU D 123 5.16 27.75 -5.42
CA LEU D 123 5.28 26.31 -5.20
C LEU D 123 6.72 25.86 -5.38
N LEU D 124 7.18 24.97 -4.50
CA LEU D 124 8.53 24.40 -4.58
C LEU D 124 8.44 22.93 -4.93
N THR D 125 8.30 22.66 -6.24
CA THR D 125 8.09 21.31 -6.71
C THR D 125 9.24 20.82 -7.58
N GLY D 126 10.33 21.56 -7.63
CA GLY D 126 11.44 21.21 -8.50
C GLY D 126 11.19 21.77 -9.89
N SER D 127 10.79 20.92 -10.83
CA SER D 127 10.39 21.44 -12.12
C SER D 127 9.13 22.27 -11.95
N ASN D 128 8.78 23.07 -12.97
CA ASN D 128 7.58 23.88 -12.86
C ASN D 128 6.35 23.01 -12.65
N ALA D 129 5.44 23.52 -11.83
CA ALA D 129 4.27 22.76 -11.43
C ALA D 129 3.45 22.27 -12.62
N LYS D 130 3.31 23.08 -13.65
CA LYS D 130 2.50 22.66 -14.80
C LYS D 130 3.31 21.93 -15.87
N SER D 131 4.61 21.77 -15.67
CA SER D 131 5.39 21.03 -16.65
C SER D 131 5.00 19.57 -16.60
N MET D 132 4.82 19.08 -15.39
CA MET D 132 4.43 17.73 -15.09
C MET D 132 3.01 17.79 -14.56
N ASP D 133 2.38 16.64 -14.37
CA ASP D 133 0.98 16.64 -13.95
C ASP D 133 0.90 17.00 -12.46
N LEU D 134 1.37 18.22 -12.17
CA LEU D 134 1.41 18.78 -10.83
C LEU D 134 0.69 20.10 -10.90
N GLY D 135 0.65 20.82 -9.79
CA GLY D 135 0.01 22.12 -9.78
C GLY D 135 -1.46 22.03 -9.42
N THR D 136 -2.03 23.19 -9.12
CA THR D 136 -3.39 23.23 -8.63
C THR D 136 -4.37 23.49 -9.78
N THR D 137 -5.65 23.23 -9.49
CA THR D 137 -6.75 23.45 -10.40
C THR D 137 -7.85 24.23 -9.69
N PRO D 138 -8.81 24.78 -10.43
CA PRO D 138 -9.94 25.45 -9.76
C PRO D 138 -10.71 24.55 -8.82
N GLY D 139 -10.69 23.24 -9.05
CA GLY D 139 -11.42 22.31 -8.21
C GLY D 139 -10.79 22.08 -6.85
N ASP D 140 -9.61 22.63 -6.63
CA ASP D 140 -8.88 22.47 -5.38
C ASP D 140 -9.17 23.63 -4.42
N CYS D 141 -10.03 24.55 -4.83
CA CYS D 141 -10.33 25.72 -4.02
C CYS D 141 -10.85 25.29 -2.65
N GLY D 142 -10.27 25.88 -1.60
CA GLY D 142 -10.65 25.60 -0.22
C GLY D 142 -9.71 24.69 0.55
N CYS D 143 -8.78 23.99 -0.11
CA CYS D 143 -7.82 23.15 0.60
C CYS D 143 -6.87 23.98 1.46
N PRO D 144 -6.52 23.49 2.65
CA PRO D 144 -5.73 24.28 3.61
C PRO D 144 -4.23 24.40 3.31
N TYR D 145 -3.66 25.48 3.85
CA TYR D 145 -2.22 25.73 3.92
C TYR D 145 -1.76 25.58 5.36
N ILE D 146 -0.91 24.58 5.63
CA ILE D 146 -0.52 24.24 7.00
C ILE D 146 0.99 24.13 7.12
N TYR D 147 1.52 24.55 8.26
CA TYR D 147 2.92 24.33 8.58
C TYR D 147 3.00 24.02 10.06
N LYS D 148 4.14 23.49 10.50
CA LYS D 148 4.30 23.17 11.91
C LYS D 148 5.36 24.07 12.52
N ARG D 149 5.04 24.57 13.71
CA ARG D 149 5.90 25.45 14.50
C ARG D 149 6.08 24.78 15.84
N GLY D 150 7.33 24.48 16.21
CA GLY D 150 7.52 23.72 17.43
C GLY D 150 6.84 22.38 17.27
N ASN D 151 5.94 22.06 18.20
CA ASN D 151 5.18 20.82 18.16
C ASN D 151 3.74 21.03 17.70
N ASP D 152 3.35 22.26 17.37
CA ASP D 152 1.98 22.59 17.04
C ASP D 152 1.80 22.79 15.53
N TYR D 153 0.65 22.37 15.02
CA TYR D 153 0.28 22.66 13.65
C TYR D 153 -0.39 24.01 13.60
N VAL D 154 -0.10 24.77 12.55
CA VAL D 154 -0.69 26.09 12.32
C VAL D 154 -1.34 26.12 10.95
N VAL D 155 -2.58 26.58 10.89
CA VAL D 155 -3.31 26.73 9.64
C VAL D 155 -3.29 28.22 9.31
N ILE D 156 -2.93 28.58 8.08
CA ILE D 156 -2.85 29.98 7.70
C ILE D 156 -3.92 30.40 6.69
N GLY D 157 -4.69 29.47 6.15
CA GLY D 157 -5.70 29.84 5.18
C GLY D 157 -6.03 28.71 4.22
N VAL D 158 -6.79 29.06 3.18
CA VAL D 158 -7.27 28.09 2.20
C VAL D 158 -6.91 28.56 0.78
N HIS D 159 -6.85 27.59 -0.12
CA HIS D 159 -6.53 27.87 -1.52
C HIS D 159 -7.67 28.58 -2.25
N THR D 160 -7.33 29.67 -2.94
CA THR D 160 -8.31 30.44 -3.70
C THR D 160 -8.07 30.39 -5.20
N ALA D 161 -6.85 30.66 -5.64
CA ALA D 161 -6.55 30.83 -7.06
C ALA D 161 -5.07 30.56 -7.31
N ALA D 162 -4.72 30.50 -8.60
CA ALA D 162 -3.33 30.36 -9.02
C ALA D 162 -3.11 31.12 -10.32
N ALA D 163 -1.86 31.55 -10.52
CA ALA D 163 -1.44 32.23 -11.73
C ALA D 163 -1.59 31.33 -12.95
N ARG D 164 -1.66 31.96 -14.13
CA ARG D 164 -1.75 31.17 -15.35
C ARG D 164 -0.58 30.20 -15.47
N GLY D 165 0.58 30.55 -14.89
CA GLY D 165 1.76 29.69 -14.93
C GLY D 165 1.72 28.52 -13.96
N GLY D 166 0.79 28.53 -13.02
CA GLY D 166 0.63 27.43 -12.08
C GLY D 166 1.63 27.40 -10.96
N ASN D 167 2.65 28.26 -10.97
CA ASN D 167 3.68 28.22 -9.95
C ASN D 167 3.44 29.21 -8.83
N THR D 168 2.60 30.22 -9.04
CA THR D 168 2.28 31.18 -7.99
C THR D 168 0.83 30.92 -7.57
N VAL D 169 0.61 30.79 -6.27
CA VAL D 169 -0.70 30.49 -5.72
C VAL D 169 -1.01 31.58 -4.70
N ILE D 170 -2.29 31.71 -4.34
CA ILE D 170 -2.67 32.68 -3.33
C ILE D 170 -3.57 32.04 -2.29
N CYS D 171 -3.28 32.35 -1.04
CA CYS D 171 -3.91 31.82 0.17
C CYS D 171 -4.85 32.83 0.82
N ALA D 172 -6.15 32.53 0.86
CA ALA D 172 -7.10 33.40 1.53
C ALA D 172 -6.94 33.27 3.04
N THR D 173 -7.00 34.40 3.77
CA THR D 173 -6.79 34.38 5.22
C THR D 173 -7.81 35.23 5.99
N GLN D 174 -7.79 35.03 7.31
CA GLN D 174 -8.57 35.77 8.34
C GLN D 174 -9.05 34.80 9.41
N UNK E 1 -26.45 2.24 4.14
CA UNK E 1 -26.51 2.96 2.83
C UNK E 1 -25.27 3.80 2.60
N UNK E 2 -25.05 4.87 3.35
CA UNK E 2 -23.85 5.71 3.16
C UNK E 2 -22.92 5.59 4.38
N UNK E 3 -21.67 5.18 4.20
CA UNK E 3 -20.64 5.12 5.23
C UNK E 3 -19.52 6.05 4.77
N UNK E 4 -18.97 6.89 5.63
CA UNK E 4 -17.86 7.78 5.30
C UNK E 4 -16.69 7.30 6.16
N UNK E 5 -15.53 7.02 5.60
CA UNK E 5 -14.44 6.44 6.40
C UNK E 5 -13.55 7.57 6.91
N UNK E 6 -13.18 7.57 8.19
CA UNK E 6 -12.44 8.58 8.97
C UNK E 6 -13.10 9.96 8.86
#